data_5HHO
#
_entry.id   5HHO
#
_cell.length_a   233.657
_cell.length_b   49.033
_cell.length_c   113.040
_cell.angle_alpha   90.000
_cell.angle_beta   115.950
_cell.angle_gamma   90.000
#
_symmetry.space_group_name_H-M   'C 1 2 1'
#
loop_
_entity.id
_entity.type
_entity.pdbx_description
1 polymer 'HLA class I histocompatibility antigen, A-2 alpha chain'
2 polymer Beta-2-microglobulin
3 polymer 'JM22 TCR alpha chain'
4 polymer 'JM22 TCR beta chain'
5 polymer 'M1-G4E, GILEFVFTL'
#
loop_
_entity_poly.entity_id
_entity_poly.type
_entity_poly.pdbx_seq_one_letter_code
_entity_poly.pdbx_strand_id
1 'polypeptide(L)'
;GSHSMRYFFTSVSRPGRGEPRFIAVGYVDDTQFVRFDSDAASQRMEPRAPWIEQEGPEYWDGETRKVKAHSQTHRVDLGT
LRGYYNQSEAGSHTVQRMYGCDVGSDWRFLRGYHQYAYDGKDYIALKEDLRSWTAADMAAQTTKHKWEAAHVAEQLRAYL
EGTCVEWLRRYLENGKETLQRTDAPKTHMTHHAVSDHEATLRCWALSFYPAEITLTWQRDGEDQTQDTELVETRPAGDGT
FQKWAAVVVPSGQEQRYTCHVQHEGLPKPLTLRWEP
;
A
2 'polypeptide(L)'
;MIQRTPKIQVYSRHPAENGKSNFLNCYVSGFHPSDIEVDLLKNGERIEKVEHSDLSFSKDWSFYLLYYTEFTPTEKDEYA
CRVNHVTLSQPKIVKWDRDM
;
B
3 'polypeptide(L)'
;QLLEQSPQFLSIQEGENLTVYCNSSSVFSSLQWYRQEPGEGPVLLVTVVTGGEVKKLKRLTFQFGDARKDSSLHITAAQP
GDTGLYLCAGAGSQGNLIFGKGTKLSVKPNIQNPDPAVYQLRDSKSSDKSVCLFTDFDSQTNVSQSKDSDVYITDKCVLD
MRSMDFKSNSAVAWSNKSDFACANAFNNSIIPEDTFFPS
;
D
4 'polypeptide(L)'
;GGITQSPKYLFRKEGQNVTLSCEQNLNHDAMYWYRQDPGQGLRLIYYSQIVNDFQKGDIAEGYSVSREKKESFPLTVTSA
QKNPTAFYLCASSIRSSYEQYFGPGTRLTVTEDLKNVFPPEVAVFEPSEAEISHTQKATLVCLATGFYPDHVELSWWVNG
KEVHSGVCTDPQPLKEQPALNDSRYALSSRLRVSATFWQDPRNHFRCQVQFYGLSENDEWTQDRAKPVTQIVSAEAWGRA
D
;
E
5 'polypeptide(L)' GILEFVFTL C
#
# COMPACT_ATOMS: atom_id res chain seq x y z
N GLY A 1 32.92 3.55 -15.03
CA GLY A 1 33.24 2.73 -13.87
C GLY A 1 32.03 2.48 -12.98
N SER A 2 32.23 2.57 -11.67
CA SER A 2 31.15 2.38 -10.72
C SER A 2 30.25 3.61 -10.61
N HIS A 3 28.95 3.39 -10.51
CA HIS A 3 28.00 4.49 -10.38
C HIS A 3 27.01 4.24 -9.25
N SER A 4 26.20 5.26 -8.94
CA SER A 4 25.23 5.16 -7.85
C SER A 4 24.10 6.19 -7.97
N MET A 5 22.95 5.86 -7.40
CA MET A 5 21.84 6.79 -7.29
C MET A 5 21.43 6.90 -5.83
N ARG A 6 21.32 8.12 -5.32
CA ARG A 6 20.98 8.33 -3.92
C ARG A 6 19.83 9.32 -3.73
N TYR A 7 18.99 9.06 -2.75
CA TYR A 7 17.93 9.98 -2.38
C TYR A 7 18.08 10.39 -0.93
N PHE A 8 18.08 11.69 -0.69
CA PHE A 8 18.26 12.23 0.66
C PHE A 8 17.00 12.97 1.11
N PHE A 9 16.46 12.56 2.24
CA PHE A 9 15.24 13.17 2.77
C PHE A 9 15.51 13.81 4.13
N THR A 10 15.09 15.06 4.28
CA THR A 10 15.28 15.78 5.53
C THR A 10 13.95 16.28 6.08
N SER A 11 13.55 15.74 7.23
CA SER A 11 12.29 16.13 7.86
C SER A 11 12.55 16.86 9.18
N VAL A 12 12.20 18.14 9.23
CA VAL A 12 12.47 18.96 10.41
C VAL A 12 11.18 19.52 11.01
N SER A 13 10.95 19.21 12.28
CA SER A 13 9.76 19.69 12.97
C SER A 13 9.91 21.15 13.41
N ARG A 14 8.82 21.90 13.30
CA ARG A 14 8.81 23.30 13.73
C ARG A 14 8.06 23.46 15.05
N PRO A 15 8.63 24.24 15.97
CA PRO A 15 8.08 24.47 17.31
C PRO A 15 6.63 24.96 17.28
N GLY A 16 5.82 24.43 18.19
CA GLY A 16 4.42 24.81 18.27
C GLY A 16 3.59 24.14 17.19
N ARG A 17 2.84 24.95 16.44
CA ARG A 17 1.95 24.44 15.41
C ARG A 17 2.47 24.77 14.01
N GLY A 18 3.77 25.03 13.91
CA GLY A 18 4.40 25.24 12.63
C GLY A 18 4.55 23.94 11.88
N GLU A 19 4.06 23.90 10.65
CA GLU A 19 4.14 22.71 9.81
C GLU A 19 5.58 22.27 9.61
N PRO A 20 5.82 20.95 9.69
CA PRO A 20 7.16 20.36 9.53
C PRO A 20 7.82 20.74 8.21
N ARG A 21 9.14 20.79 8.20
CA ARG A 21 9.89 21.10 6.99
C ARG A 21 10.39 19.82 6.33
N PHE A 22 10.11 19.67 5.05
CA PHE A 22 10.53 18.48 4.32
C PHE A 22 11.32 18.83 3.08
N ILE A 23 12.50 18.22 2.94
CA ILE A 23 13.36 18.45 1.80
C ILE A 23 13.86 17.13 1.23
N ALA A 24 13.64 16.93 -0.06
CA ALA A 24 14.08 15.70 -0.72
C ALA A 24 14.89 16.02 -1.97
N VAL A 25 16.13 15.53 -2.01
CA VAL A 25 16.99 15.72 -3.17
C VAL A 25 17.50 14.39 -3.70
N GLY A 26 17.68 14.31 -5.01
CA GLY A 26 18.16 13.09 -5.64
C GLY A 26 19.52 13.26 -6.27
N TYR A 27 20.41 12.29 -6.03
CA TYR A 27 21.76 12.33 -6.55
C TYR A 27 22.12 11.09 -7.37
N VAL A 28 22.50 11.29 -8.63
CA VAL A 28 23.16 10.24 -9.40
C VAL A 28 24.66 10.48 -9.35
N ASP A 29 25.40 9.54 -8.76
CA ASP A 29 26.82 9.72 -8.46
C ASP A 29 27.04 10.98 -7.63
N ASP A 30 27.67 11.99 -8.22
CA ASP A 30 27.89 13.26 -7.54
C ASP A 30 27.07 14.39 -8.16
N THR A 31 26.06 14.02 -8.92
CA THR A 31 25.23 15.00 -9.62
C THR A 31 23.78 14.99 -9.13
N GLN A 32 23.35 16.11 -8.55
CA GLN A 32 21.97 16.27 -8.15
C GLN A 32 21.11 16.54 -9.39
N PHE A 33 19.91 15.97 -9.42
CA PHE A 33 19.05 16.11 -10.60
C PHE A 33 17.60 16.45 -10.27
N VAL A 34 17.17 16.17 -9.04
CA VAL A 34 15.81 16.49 -8.61
C VAL A 34 15.76 17.09 -7.21
N ARG A 35 14.65 17.76 -6.91
CA ARG A 35 14.46 18.33 -5.58
C ARG A 35 12.98 18.46 -5.23
N PHE A 36 12.69 18.48 -3.94
CA PHE A 36 11.35 18.75 -3.45
C PHE A 36 11.42 19.53 -2.13
N ASP A 37 10.70 20.63 -2.06
CA ASP A 37 10.69 21.47 -0.88
C ASP A 37 9.27 21.79 -0.44
N SER A 38 8.97 21.54 0.82
CA SER A 38 7.61 21.73 1.35
C SER A 38 7.24 23.20 1.49
N ASP A 39 8.25 24.07 1.53
CA ASP A 39 8.02 25.50 1.65
C ASP A 39 7.97 26.18 0.28
N ALA A 40 8.19 25.40 -0.77
CA ALA A 40 8.14 25.92 -2.13
C ALA A 40 6.69 26.16 -2.55
N ALA A 41 6.52 26.96 -3.60
CA ALA A 41 5.18 27.31 -4.06
C ALA A 41 4.66 26.31 -5.11
N SER A 42 5.58 25.65 -5.79
CA SER A 42 5.21 24.71 -6.86
C SER A 42 4.57 23.45 -6.30
N GLN A 43 5.09 22.97 -5.16
CA GLN A 43 4.64 21.74 -4.53
C GLN A 43 4.76 20.55 -5.49
N ARG A 44 5.79 20.57 -6.31
CA ARG A 44 6.05 19.49 -7.26
C ARG A 44 7.52 19.07 -7.23
N MET A 45 7.80 17.88 -7.75
CA MET A 45 9.18 17.42 -7.92
C MET A 45 9.83 18.23 -9.05
N GLU A 46 10.88 18.96 -8.72
CA GLU A 46 11.51 19.85 -9.69
C GLU A 46 12.84 19.30 -10.20
N PRO A 47 13.13 19.53 -11.49
CA PRO A 47 14.40 19.14 -12.10
C PRO A 47 15.53 20.11 -11.75
N ARG A 48 16.68 19.56 -11.38
CA ARG A 48 17.85 20.38 -11.10
C ARG A 48 18.83 20.31 -12.26
N ALA A 49 18.97 19.11 -12.81
CA ALA A 49 19.83 18.88 -13.96
C ALA A 49 19.01 18.93 -15.24
N PRO A 50 19.59 19.44 -16.34
CA PRO A 50 18.85 19.58 -17.60
C PRO A 50 18.55 18.25 -18.28
N TRP A 51 19.35 17.21 -18.02
CA TRP A 51 19.17 15.94 -18.70
C TRP A 51 17.96 15.15 -18.19
N ILE A 52 17.43 15.54 -17.05
CA ILE A 52 16.25 14.86 -16.49
C ILE A 52 14.98 15.58 -16.92
N GLU A 53 15.15 16.72 -17.59
CA GLU A 53 14.01 17.49 -18.09
C GLU A 53 13.40 16.84 -19.33
N GLN A 54 14.06 15.78 -19.82
CA GLN A 54 13.55 15.02 -20.95
C GLN A 54 12.22 14.35 -20.60
N GLU A 55 12.08 13.98 -19.33
CA GLU A 55 10.90 13.26 -18.85
C GLU A 55 9.62 14.06 -19.02
N GLY A 56 8.57 13.37 -19.46
CA GLY A 56 7.28 14.00 -19.66
C GLY A 56 6.51 14.14 -18.35
N PRO A 57 5.25 14.60 -18.44
CA PRO A 57 4.38 14.82 -17.28
C PRO A 57 4.19 13.57 -16.41
N GLU A 58 3.99 12.42 -17.04
CA GLU A 58 3.75 11.16 -16.31
C GLU A 58 4.82 10.90 -15.26
N TYR A 59 6.08 11.13 -15.61
CA TYR A 59 7.18 10.96 -14.67
C TYR A 59 7.09 11.95 -13.53
N TRP A 60 7.02 13.23 -13.86
CA TRP A 60 7.02 14.29 -12.86
C TRP A 60 5.77 14.27 -12.00
N ASP A 61 4.62 13.98 -12.60
CA ASP A 61 3.38 13.87 -11.84
C ASP A 61 3.42 12.65 -10.94
N GLY A 62 4.13 11.62 -11.38
CA GLY A 62 4.29 10.41 -10.59
C GLY A 62 5.25 10.62 -9.44
N GLU A 63 6.40 11.22 -9.73
CA GLU A 63 7.41 11.48 -8.70
C GLU A 63 6.89 12.48 -7.67
N THR A 64 6.07 13.41 -8.11
CA THR A 64 5.41 14.35 -7.22
C THR A 64 4.48 13.62 -6.28
N ARG A 65 3.72 12.69 -6.84
CA ARG A 65 2.75 11.91 -6.07
C ARG A 65 3.42 11.09 -4.97
N LYS A 66 4.53 10.45 -5.31
CA LYS A 66 5.21 9.56 -4.37
C LYS A 66 5.97 10.30 -3.29
N VAL A 67 6.43 11.51 -3.58
CA VAL A 67 7.22 12.26 -2.61
C VAL A 67 6.31 12.96 -1.60
N LYS A 68 5.09 13.29 -2.01
CA LYS A 68 4.09 13.82 -1.10
C LYS A 68 3.80 12.79 -0.01
N ALA A 69 3.71 11.52 -0.42
CA ALA A 69 3.49 10.43 0.51
C ALA A 69 4.70 10.26 1.43
N HIS A 70 5.89 10.54 0.89
CA HIS A 70 7.11 10.48 1.68
C HIS A 70 7.14 11.58 2.75
N SER A 71 6.53 12.72 2.44
CA SER A 71 6.50 13.84 3.38
C SER A 71 5.55 13.55 4.54
N GLN A 72 4.37 13.05 4.19
CA GLN A 72 3.34 12.76 5.20
C GLN A 72 3.77 11.61 6.11
N THR A 73 4.43 10.60 5.54
CA THR A 73 4.85 9.45 6.31
C THR A 73 6.02 9.81 7.24
N HIS A 74 6.67 10.94 6.95
CA HIS A 74 7.77 11.40 7.79
C HIS A 74 7.29 12.40 8.84
N ARG A 75 6.20 13.10 8.53
CA ARG A 75 5.56 13.97 9.51
C ARG A 75 5.08 13.12 10.69
N VAL A 76 4.57 11.93 10.37
CA VAL A 76 4.13 10.98 11.38
C VAL A 76 5.32 10.49 12.20
N ASP A 77 6.41 10.16 11.51
CA ASP A 77 7.59 9.63 12.17
C ASP A 77 8.18 10.63 13.17
N LEU A 78 8.05 11.91 12.87
CA LEU A 78 8.50 12.96 13.79
C LEU A 78 7.74 12.86 15.12
N GLY A 79 6.44 12.63 15.04
CA GLY A 79 5.62 12.51 16.23
C GLY A 79 5.86 11.22 16.98
N THR A 80 6.09 10.15 16.23
CA THR A 80 6.33 8.83 16.83
C THR A 80 7.66 8.81 17.57
N LEU A 81 8.69 9.40 16.96
CA LEU A 81 10.02 9.44 17.56
C LEU A 81 10.05 10.35 18.79
N ARG A 82 9.19 11.37 18.79
CA ARG A 82 9.04 12.25 19.95
C ARG A 82 8.55 11.47 21.15
N GLY A 83 7.60 10.56 20.92
CA GLY A 83 7.03 9.75 21.98
C GLY A 83 8.00 8.72 22.51
N TYR A 84 8.80 8.13 21.61
CA TYR A 84 9.76 7.12 21.99
C TYR A 84 10.81 7.67 22.96
N TYR A 85 11.22 8.91 22.73
CA TYR A 85 12.29 9.53 23.51
C TYR A 85 11.77 10.51 24.56
N ASN A 86 10.45 10.50 24.78
CA ASN A 86 9.81 11.35 25.79
C ASN A 86 10.13 12.83 25.64
N GLN A 87 10.24 13.29 24.40
CA GLN A 87 10.62 14.67 24.13
C GLN A 87 9.41 15.59 24.14
N SER A 88 9.65 16.87 24.45
CA SER A 88 8.60 17.87 24.48
C SER A 88 8.16 18.24 23.06
N GLU A 89 7.07 18.98 22.96
CA GLU A 89 6.60 19.46 21.67
C GLU A 89 7.22 20.82 21.34
N ALA A 90 7.91 21.39 22.31
CA ALA A 90 8.50 22.71 22.15
C ALA A 90 9.78 22.67 21.32
N GLY A 91 10.54 21.59 21.46
CA GLY A 91 11.80 21.46 20.76
C GLY A 91 11.65 21.13 19.28
N SER A 92 12.72 21.35 18.53
CA SER A 92 12.74 21.02 17.11
C SER A 92 13.68 19.86 16.86
N HIS A 93 13.17 18.82 16.19
CA HIS A 93 13.96 17.63 15.94
C HIS A 93 14.03 17.31 14.44
N THR A 94 15.03 16.53 14.06
CA THR A 94 15.29 16.24 12.66
C THR A 94 15.32 14.74 12.37
N VAL A 95 14.58 14.33 11.34
CA VAL A 95 14.64 12.95 10.87
C VAL A 95 15.25 12.90 9.46
N GLN A 96 16.26 12.06 9.29
CA GLN A 96 16.94 11.94 8.00
C GLN A 96 16.85 10.53 7.46
N ARG A 97 16.83 10.41 6.13
CA ARG A 97 16.67 9.11 5.49
C ARG A 97 17.38 9.06 4.15
N MET A 98 18.06 7.95 3.88
CA MET A 98 18.73 7.74 2.60
C MET A 98 18.55 6.31 2.09
N TYR A 99 18.21 6.17 0.82
CA TYR A 99 18.24 4.86 0.18
C TYR A 99 18.69 4.98 -1.27
N GLY A 100 19.32 3.92 -1.76
CA GLY A 100 19.83 3.91 -3.12
C GLY A 100 20.57 2.63 -3.45
N CYS A 101 21.03 2.54 -4.69
CA CYS A 101 21.70 1.34 -5.16
C CYS A 101 23.07 1.66 -5.77
N ASP A 102 23.95 0.68 -5.74
CA ASP A 102 25.27 0.81 -6.35
C ASP A 102 25.47 -0.23 -7.44
N VAL A 103 26.06 0.18 -8.56
CA VAL A 103 26.29 -0.73 -9.69
C VAL A 103 27.77 -0.90 -9.98
N GLY A 104 28.09 -1.95 -10.73
CA GLY A 104 29.46 -2.22 -11.13
C GLY A 104 29.85 -1.46 -12.39
N SER A 105 30.99 -1.82 -12.97
CA SER A 105 31.44 -1.20 -14.21
C SER A 105 30.53 -1.62 -15.38
N ASP A 106 29.95 -2.81 -15.24
CA ASP A 106 29.02 -3.33 -16.24
C ASP A 106 27.57 -2.99 -15.87
N TRP A 107 27.43 -2.13 -14.87
CA TRP A 107 26.13 -1.65 -14.38
C TRP A 107 25.30 -2.75 -13.75
N ARG A 108 25.96 -3.81 -13.28
CA ARG A 108 25.29 -4.84 -12.50
C ARG A 108 25.24 -4.43 -11.03
N PHE A 109 24.15 -4.78 -10.36
CA PHE A 109 23.93 -4.39 -8.97
C PHE A 109 25.08 -4.80 -8.05
N LEU A 110 25.47 -3.91 -7.14
CA LEU A 110 26.53 -4.18 -6.19
C LEU A 110 26.07 -4.01 -4.74
N ARG A 111 25.59 -2.82 -4.42
CA ARG A 111 25.23 -2.48 -3.04
C ARG A 111 23.90 -1.74 -2.94
N GLY A 112 23.17 -2.00 -1.86
CA GLY A 112 21.92 -1.29 -1.61
C GLY A 112 21.95 -0.60 -0.26
N TYR A 113 21.29 0.55 -0.16
CA TYR A 113 21.28 1.31 1.09
C TYR A 113 19.86 1.66 1.53
N HIS A 114 19.67 1.79 2.83
CA HIS A 114 18.41 2.24 3.41
C HIS A 114 18.61 2.54 4.88
N GLN A 115 18.81 3.82 5.21
CA GLN A 115 19.18 4.21 6.56
C GLN A 115 18.29 5.31 7.14
N TYR A 116 18.24 5.38 8.46
CA TYR A 116 17.49 6.42 9.16
C TYR A 116 18.34 7.08 10.23
N ALA A 117 18.02 8.34 10.54
CA ALA A 117 18.72 9.05 11.60
C ALA A 117 17.76 9.98 12.34
N TYR A 118 17.99 10.15 13.64
CA TYR A 118 17.19 11.06 14.45
C TYR A 118 18.09 11.99 15.26
N ASP A 119 17.95 13.29 15.03
CA ASP A 119 18.75 14.32 15.70
C ASP A 119 20.25 14.12 15.49
N GLY A 120 20.62 13.66 14.31
CA GLY A 120 22.03 13.53 13.95
C GLY A 120 22.65 12.19 14.24
N LYS A 121 21.91 11.32 14.93
CA LYS A 121 22.41 10.01 15.30
C LYS A 121 21.67 8.89 14.57
N ASP A 122 22.39 7.81 14.24
CA ASP A 122 21.79 6.64 13.59
C ASP A 122 20.58 6.12 14.37
N TYR A 123 19.56 5.70 13.63
CA TYR A 123 18.35 5.15 14.22
C TYR A 123 18.21 3.67 13.84
N ILE A 124 17.72 3.44 12.63
CA ILE A 124 17.63 2.09 12.09
C ILE A 124 18.23 2.06 10.68
N ALA A 125 18.93 0.99 10.35
CA ALA A 125 19.60 0.91 9.06
C ALA A 125 19.62 -0.53 8.53
N LEU A 126 19.31 -0.66 7.25
CA LEU A 126 19.30 -1.96 6.58
C LEU A 126 20.72 -2.47 6.37
N LYS A 127 20.99 -3.67 6.87
CA LYS A 127 22.31 -4.29 6.70
C LYS A 127 22.61 -4.58 5.23
N GLU A 128 23.88 -4.88 4.94
CA GLU A 128 24.33 -5.07 3.58
C GLU A 128 23.65 -6.26 2.89
N ASP A 129 23.30 -7.26 3.67
CA ASP A 129 22.63 -8.45 3.13
C ASP A 129 21.21 -8.14 2.68
N LEU A 130 20.74 -6.95 3.02
CA LEU A 130 19.38 -6.49 2.71
C LEU A 130 18.34 -7.43 3.31
N ARG A 131 18.69 -8.07 4.42
CA ARG A 131 17.79 -8.99 5.12
C ARG A 131 17.59 -8.58 6.57
N SER A 132 18.60 -7.93 7.14
CA SER A 132 18.59 -7.59 8.56
C SER A 132 18.55 -6.09 8.80
N TRP A 133 18.34 -5.70 10.06
CA TRP A 133 18.31 -4.29 10.45
C TRP A 133 19.27 -4.04 11.60
N THR A 134 19.86 -2.84 11.62
CA THR A 134 20.71 -2.43 12.73
C THR A 134 20.05 -1.33 13.54
N ALA A 135 19.46 -1.70 14.67
CA ALA A 135 18.81 -0.75 15.56
C ALA A 135 19.75 -0.35 16.69
N ALA A 136 20.15 0.92 16.70
CA ALA A 136 21.13 1.41 17.66
C ALA A 136 20.63 1.34 19.10
N ASP A 137 19.42 1.81 19.34
CA ASP A 137 18.90 1.89 20.70
C ASP A 137 17.56 1.18 20.85
N MET A 138 17.12 1.05 22.10
CA MET A 138 15.89 0.32 22.41
C MET A 138 14.64 0.96 21.81
N ALA A 139 14.74 2.24 21.48
CA ALA A 139 13.64 2.94 20.83
C ALA A 139 13.51 2.48 19.38
N ALA A 140 14.65 2.35 18.70
CA ALA A 140 14.67 1.87 17.33
C ALA A 140 14.35 0.38 17.25
N GLN A 141 14.50 -0.31 18.38
CA GLN A 141 14.26 -1.74 18.43
C GLN A 141 12.79 -2.04 18.19
N THR A 142 11.94 -1.08 18.54
CA THR A 142 10.51 -1.18 18.28
C THR A 142 10.22 -1.15 16.79
N THR A 143 10.90 -0.25 16.09
CA THR A 143 10.77 -0.13 14.64
C THR A 143 11.26 -1.40 13.95
N LYS A 144 12.40 -1.90 14.41
CA LYS A 144 12.98 -3.12 13.85
C LYS A 144 12.00 -4.28 13.88
N HIS A 145 11.32 -4.45 15.02
CA HIS A 145 10.34 -5.51 15.19
C HIS A 145 9.12 -5.29 14.31
N LYS A 146 8.67 -4.03 14.24
CA LYS A 146 7.53 -3.68 13.41
C LYS A 146 7.80 -3.95 11.93
N TRP A 147 9.03 -3.71 11.51
CA TRP A 147 9.42 -3.91 10.13
C TRP A 147 9.73 -5.37 9.83
N GLU A 148 10.15 -6.11 10.86
CA GLU A 148 10.35 -7.55 10.73
C GLU A 148 9.00 -8.25 10.58
N ALA A 149 8.00 -7.74 11.29
CA ALA A 149 6.67 -8.32 11.27
C ALA A 149 5.96 -8.04 9.95
N ALA A 150 6.21 -6.85 9.39
CA ALA A 150 5.55 -6.44 8.15
C ALA A 150 6.42 -6.74 6.94
N HIS A 151 7.56 -7.38 7.18
CA HIS A 151 8.50 -7.78 6.13
C HIS A 151 8.82 -6.64 5.16
N VAL A 152 9.34 -5.55 5.70
CA VAL A 152 9.69 -4.39 4.89
C VAL A 152 10.99 -4.65 4.13
N ALA A 153 11.86 -5.46 4.74
CA ALA A 153 13.17 -5.74 4.17
C ALA A 153 13.10 -6.38 2.78
N GLU A 154 12.25 -7.41 2.66
CA GLU A 154 12.11 -8.13 1.40
C GLU A 154 11.65 -7.22 0.26
N GLN A 155 10.62 -6.43 0.54
CA GLN A 155 10.04 -5.57 -0.49
C GLN A 155 11.00 -4.44 -0.85
N LEU A 156 11.83 -4.03 0.11
CA LEU A 156 12.86 -3.04 -0.13
C LEU A 156 13.95 -3.58 -1.04
N ARG A 157 14.34 -4.84 -0.79
CA ARG A 157 15.39 -5.49 -1.55
C ARG A 157 15.04 -5.60 -3.02
N ALA A 158 13.75 -5.80 -3.31
CA ALA A 158 13.27 -5.87 -4.67
C ALA A 158 13.51 -4.55 -5.40
N TYR A 159 13.30 -3.45 -4.69
CA TYR A 159 13.52 -2.12 -5.25
C TYR A 159 14.99 -1.84 -5.45
N LEU A 160 15.80 -2.11 -4.43
CA LEU A 160 17.23 -1.82 -4.47
C LEU A 160 17.95 -2.68 -5.51
N GLU A 161 17.69 -3.98 -5.51
CA GLU A 161 18.33 -4.89 -6.44
C GLU A 161 17.73 -4.78 -7.85
N GLY A 162 16.51 -4.28 -7.93
CA GLY A 162 15.81 -4.26 -9.20
C GLY A 162 15.49 -2.87 -9.74
N THR A 163 14.45 -2.26 -9.19
CA THR A 163 13.92 -1.00 -9.70
C THR A 163 14.96 0.13 -9.65
N CYS A 164 15.77 0.12 -8.60
CA CYS A 164 16.80 1.13 -8.42
C CYS A 164 17.82 1.12 -9.57
N VAL A 165 18.38 -0.04 -9.87
CA VAL A 165 19.37 -0.14 -10.93
C VAL A 165 18.73 0.03 -12.29
N GLU A 166 17.41 -0.16 -12.36
CA GLU A 166 16.67 0.10 -13.60
C GLU A 166 16.54 1.59 -13.82
N TRP A 167 16.27 2.33 -12.74
CA TRP A 167 16.19 3.78 -12.80
C TRP A 167 17.55 4.40 -13.12
N LEU A 168 18.59 3.93 -12.42
CA LEU A 168 19.93 4.46 -12.60
C LEU A 168 20.43 4.25 -14.02
N ARG A 169 20.18 3.07 -14.56
CA ARG A 169 20.59 2.76 -15.93
C ARG A 169 19.88 3.65 -16.94
N ARG A 170 18.63 4.00 -16.65
CA ARG A 170 17.89 4.93 -17.50
C ARG A 170 18.51 6.32 -17.43
N TYR A 171 18.81 6.77 -16.22
CA TYR A 171 19.38 8.09 -16.02
C TYR A 171 20.76 8.21 -16.65
N LEU A 172 21.56 7.15 -16.53
CA LEU A 172 22.91 7.15 -17.09
C LEU A 172 22.91 7.26 -18.61
N GLU A 173 21.92 6.66 -19.26
CA GLU A 173 21.88 6.63 -20.72
C GLU A 173 21.17 7.84 -21.32
N ASN A 174 20.22 8.42 -20.57
CA ASN A 174 19.53 9.61 -21.03
C ASN A 174 20.49 10.76 -21.25
N GLY A 175 21.26 11.08 -20.21
CA GLY A 175 22.29 12.10 -20.30
C GLY A 175 23.64 11.50 -19.97
N LYS A 176 24.30 10.93 -20.97
CA LYS A 176 25.59 10.28 -20.76
C LYS A 176 26.74 11.26 -20.94
N GLU A 177 26.46 12.39 -21.59
CA GLU A 177 27.46 13.43 -21.79
C GLU A 177 27.69 14.19 -20.48
N THR A 178 26.85 13.93 -19.49
CA THR A 178 26.93 14.64 -18.21
C THR A 178 27.28 13.71 -17.05
N LEU A 179 26.69 12.52 -17.05
CA LEU A 179 26.88 11.59 -15.95
C LEU A 179 28.08 10.65 -16.18
N GLN A 180 28.23 10.18 -17.41
CA GLN A 180 29.32 9.25 -17.73
C GLN A 180 30.64 9.97 -17.97
N ARG A 181 30.58 11.29 -18.13
CA ARG A 181 31.77 12.09 -18.39
C ARG A 181 32.75 12.06 -17.21
N THR A 182 34.02 12.23 -17.50
CA THR A 182 35.04 12.36 -16.46
C THR A 182 35.96 13.53 -16.78
N ASP A 183 35.81 14.63 -16.04
CA ASP A 183 36.65 15.80 -16.25
C ASP A 183 37.92 15.71 -15.40
N ALA A 184 39.07 15.72 -16.06
CA ALA A 184 40.36 15.58 -15.39
C ALA A 184 40.75 16.88 -14.67
N PRO A 185 41.47 16.75 -13.55
CA PRO A 185 41.90 17.92 -12.77
C PRO A 185 42.85 18.84 -13.53
N LYS A 186 42.63 20.14 -13.42
CA LYS A 186 43.55 21.13 -13.95
C LYS A 186 44.49 21.57 -12.83
N THR A 187 45.67 20.96 -12.77
CA THR A 187 46.54 21.12 -11.61
C THR A 187 47.65 22.15 -11.79
N HIS A 188 47.98 22.81 -10.69
CA HIS A 188 49.12 23.73 -10.61
C HIS A 188 49.49 23.90 -9.14
N MET A 189 50.71 24.33 -8.88
CA MET A 189 51.11 24.57 -7.49
C MET A 189 51.71 25.96 -7.29
N THR A 190 51.33 26.60 -6.19
CA THR A 190 51.79 27.95 -5.90
C THR A 190 52.72 27.97 -4.70
N HIS A 191 53.63 28.93 -4.71
CA HIS A 191 54.61 29.07 -3.64
C HIS A 191 54.41 30.36 -2.86
N HIS A 192 54.51 30.27 -1.54
CA HIS A 192 54.33 31.43 -0.68
C HIS A 192 55.40 31.50 0.40
N ALA A 193 55.79 32.72 0.76
CA ALA A 193 56.84 32.92 1.74
C ALA A 193 56.27 33.15 3.14
N VAL A 194 56.53 32.20 4.03
CA VAL A 194 56.16 32.34 5.44
C VAL A 194 57.35 32.86 6.24
N SER A 195 57.22 34.07 6.78
CA SER A 195 58.33 34.78 7.42
C SER A 195 59.50 34.88 6.47
N ASP A 196 60.43 33.93 6.54
CA ASP A 196 61.55 33.87 5.60
C ASP A 196 62.18 32.48 5.53
N HIS A 197 62.31 31.82 6.68
CA HIS A 197 62.96 30.52 6.75
C HIS A 197 62.07 29.42 6.18
N GLU A 198 60.79 29.44 6.56
CA GLU A 198 59.84 28.46 6.05
C GLU A 198 59.09 29.00 4.84
N ALA A 199 58.44 28.11 4.10
CA ALA A 199 57.68 28.48 2.92
C ALA A 199 56.58 27.46 2.65
N THR A 200 55.48 27.91 2.05
CA THR A 200 54.33 27.03 1.83
C THR A 200 54.13 26.68 0.36
N LEU A 201 54.16 25.39 0.05
CA LEU A 201 53.87 24.89 -1.27
C LEU A 201 52.46 24.30 -1.32
N ARG A 202 51.58 24.91 -2.12
CA ARG A 202 50.20 24.45 -2.17
C ARG A 202 49.85 23.81 -3.52
N CYS A 203 49.51 22.53 -3.48
CA CYS A 203 49.16 21.79 -4.69
C CYS A 203 47.68 21.92 -4.99
N TRP A 204 47.34 22.62 -6.07
CA TRP A 204 45.95 22.88 -6.43
C TRP A 204 45.40 21.84 -7.40
N ALA A 205 44.16 21.43 -7.15
CA ALA A 205 43.43 20.54 -8.06
C ALA A 205 42.05 21.14 -8.33
N LEU A 206 41.84 21.62 -9.56
CA LEU A 206 40.61 22.33 -9.88
C LEU A 206 39.86 21.73 -11.06
N SER A 207 38.57 22.02 -11.13
CA SER A 207 37.72 21.64 -12.26
C SER A 207 37.76 20.15 -12.59
N PHE A 208 37.54 19.30 -11.59
CA PHE A 208 37.56 17.86 -11.82
C PHE A 208 36.26 17.17 -11.43
N TYR A 209 35.94 16.11 -12.14
CA TYR A 209 34.77 15.28 -11.87
C TYR A 209 35.06 13.85 -12.31
N PRO A 210 34.71 12.84 -11.49
CA PRO A 210 33.98 12.89 -10.21
C PRO A 210 34.77 13.52 -9.06
N ALA A 211 34.10 13.72 -7.93
CA ALA A 211 34.67 14.46 -6.82
C ALA A 211 35.73 13.67 -6.05
N GLU A 212 35.77 12.36 -6.25
CA GLU A 212 36.75 11.53 -5.57
C GLU A 212 38.15 11.80 -6.10
N ILE A 213 39.06 12.14 -5.18
CA ILE A 213 40.43 12.47 -5.55
C ILE A 213 41.35 12.23 -4.35
N THR A 214 42.65 12.07 -4.61
CA THR A 214 43.62 11.86 -3.56
C THR A 214 44.86 12.75 -3.75
N LEU A 215 45.10 13.65 -2.79
CA LEU A 215 46.25 14.53 -2.85
C LEU A 215 47.20 14.24 -1.69
N THR A 216 48.41 13.82 -2.01
CA THR A 216 49.42 13.55 -1.00
C THR A 216 50.71 14.33 -1.27
N TRP A 217 51.42 14.69 -0.20
CA TRP A 217 52.71 15.36 -0.32
C TRP A 217 53.86 14.44 0.05
N GLN A 218 54.76 14.26 -0.91
CA GLN A 218 55.85 13.32 -0.69
C GLN A 218 57.19 14.02 -0.87
N ARG A 219 58.19 13.50 -0.19
CA ARG A 219 59.52 14.05 -0.21
C ARG A 219 60.36 13.05 -0.97
N ASP A 220 61.68 13.13 -0.80
CA ASP A 220 62.58 12.19 -1.45
C ASP A 220 62.40 10.82 -0.85
N GLY A 221 61.96 10.79 0.41
CA GLY A 221 61.56 9.53 1.02
C GLY A 221 60.26 9.08 0.37
N GLU A 222 59.13 9.34 1.05
CA GLU A 222 57.79 9.08 0.52
C GLU A 222 56.71 9.69 1.44
N ASP A 223 55.55 9.97 0.85
CA ASP A 223 54.30 10.35 1.53
C ASP A 223 54.44 10.89 2.94
N GLN A 224 54.61 12.21 3.06
CA GLN A 224 54.70 12.85 4.37
C GLN A 224 53.32 13.28 4.87
N THR A 225 52.56 12.32 5.39
CA THR A 225 51.26 12.60 6.00
C THR A 225 51.47 13.01 7.46
N GLN A 226 50.73 14.03 7.89
CA GLN A 226 50.98 14.88 9.06
C GLN A 226 51.93 15.99 8.61
N ASP A 227 51.92 17.12 9.32
CA ASP A 227 52.62 18.35 8.94
C ASP A 227 51.98 18.97 7.68
N THR A 228 51.67 18.13 6.70
CA THR A 228 50.92 18.56 5.52
C THR A 228 49.49 18.93 5.92
N GLU A 229 48.92 19.89 5.22
CA GLU A 229 47.54 20.30 5.49
C GLU A 229 46.62 19.88 4.36
N LEU A 230 45.45 19.35 4.72
CA LEU A 230 44.49 18.86 3.75
C LEU A 230 43.10 19.47 4.02
N VAL A 231 42.45 19.96 2.96
CA VAL A 231 41.13 20.53 3.11
C VAL A 231 40.06 19.65 2.47
N GLU A 232 38.82 19.81 2.92
CA GLU A 232 37.70 19.02 2.43
C GLU A 232 37.37 19.39 0.99
N THR A 233 37.09 18.37 0.17
CA THR A 233 36.75 18.58 -1.23
C THR A 233 35.52 19.46 -1.37
N ARG A 234 35.65 20.54 -2.14
CA ARG A 234 34.59 21.52 -2.27
C ARG A 234 34.09 21.64 -3.70
N PRO A 235 32.80 21.94 -3.87
CA PRO A 235 32.21 22.15 -5.20
C PRO A 235 32.51 23.54 -5.75
N ALA A 236 32.79 23.64 -7.04
CA ALA A 236 33.06 24.92 -7.68
C ALA A 236 31.76 25.65 -7.98
N GLY A 237 30.70 24.89 -8.17
CA GLY A 237 29.40 25.46 -8.49
C GLY A 237 29.01 25.25 -9.94
N ASP A 238 29.92 24.68 -10.72
CA ASP A 238 29.67 24.43 -12.14
C ASP A 238 29.59 22.94 -12.44
N GLY A 239 29.42 22.13 -11.39
CA GLY A 239 29.38 20.69 -11.54
C GLY A 239 30.70 20.06 -11.17
N THR A 240 31.78 20.79 -11.38
CA THR A 240 33.11 20.30 -11.07
C THR A 240 33.44 20.52 -9.60
N PHE A 241 34.60 20.06 -9.17
CA PHE A 241 34.98 20.15 -7.76
C PHE A 241 36.40 20.69 -7.60
N GLN A 242 36.72 21.14 -6.39
CA GLN A 242 38.02 21.71 -6.09
C GLN A 242 38.60 21.13 -4.80
N LYS A 243 39.92 21.07 -4.72
CA LYS A 243 40.60 20.60 -3.53
C LYS A 243 42.10 20.89 -3.61
N TRP A 244 42.69 21.33 -2.51
CA TRP A 244 44.13 21.54 -2.48
C TRP A 244 44.78 20.97 -1.23
N ALA A 245 46.06 20.62 -1.35
CA ALA A 245 46.84 20.17 -0.21
C ALA A 245 48.15 20.97 -0.16
N ALA A 246 48.55 21.36 1.04
CA ALA A 246 49.74 22.18 1.20
C ALA A 246 50.59 21.73 2.37
N VAL A 247 51.89 21.98 2.29
CA VAL A 247 52.82 21.65 3.37
C VAL A 247 53.90 22.73 3.46
N VAL A 248 54.26 23.09 4.68
CA VAL A 248 55.24 24.15 4.91
C VAL A 248 56.66 23.60 4.83
N VAL A 249 57.50 24.23 4.00
CA VAL A 249 58.86 23.76 3.77
C VAL A 249 59.90 24.83 4.10
N PRO A 250 61.08 24.42 4.59
CA PRO A 250 62.19 25.35 4.80
C PRO A 250 62.69 25.94 3.48
N SER A 251 63.25 27.15 3.54
CA SER A 251 63.69 27.85 2.34
C SER A 251 64.80 27.08 1.60
N GLY A 252 64.65 26.98 0.29
CA GLY A 252 65.63 26.31 -0.53
C GLY A 252 65.33 24.83 -0.77
N GLN A 253 64.68 24.21 0.19
CA GLN A 253 64.36 22.78 0.09
C GLN A 253 63.03 22.55 -0.63
N GLU A 254 62.57 23.57 -1.35
CA GLU A 254 61.32 23.50 -2.08
C GLU A 254 61.40 22.52 -3.25
N GLN A 255 62.60 22.32 -3.76
CA GLN A 255 62.82 21.43 -4.91
C GLN A 255 62.74 19.97 -4.49
N ARG A 256 62.80 19.71 -3.19
CA ARG A 256 62.85 18.35 -2.67
C ARG A 256 61.47 17.71 -2.59
N TYR A 257 60.44 18.55 -2.51
CA TYR A 257 59.07 18.09 -2.32
C TYR A 257 58.33 17.90 -3.64
N THR A 258 57.35 17.00 -3.64
CA THR A 258 56.53 16.74 -4.82
C THR A 258 55.08 16.41 -4.45
N CYS A 259 54.17 16.62 -5.40
CA CYS A 259 52.74 16.43 -5.17
C CYS A 259 52.15 15.34 -6.08
N HIS A 260 51.50 14.35 -5.47
CA HIS A 260 50.86 13.26 -6.20
C HIS A 260 49.36 13.47 -6.34
N VAL A 261 48.86 13.41 -7.57
CA VAL A 261 47.44 13.60 -7.84
C VAL A 261 46.85 12.34 -8.49
N GLN A 262 45.87 11.73 -7.84
CA GLN A 262 45.21 10.55 -8.37
C GLN A 262 43.72 10.82 -8.63
N HIS A 263 43.27 10.61 -9.87
CA HIS A 263 41.88 10.86 -10.22
C HIS A 263 41.42 9.88 -11.29
N GLU A 264 40.11 9.75 -11.46
CA GLU A 264 39.54 8.81 -12.42
C GLU A 264 39.85 9.25 -13.86
N GLY A 265 39.95 10.55 -14.07
CA GLY A 265 40.26 11.10 -15.38
C GLY A 265 41.73 10.96 -15.74
N LEU A 266 42.57 10.81 -14.73
CA LEU A 266 44.00 10.63 -14.93
C LEU A 266 44.34 9.18 -15.23
N PRO A 267 44.90 8.91 -16.43
CA PRO A 267 45.31 7.55 -16.79
C PRO A 267 46.42 7.05 -15.88
N LYS A 268 47.31 7.96 -15.50
CA LYS A 268 48.40 7.66 -14.57
C LYS A 268 48.50 8.78 -13.53
N PRO A 269 48.96 8.44 -12.32
CA PRO A 269 49.15 9.45 -11.27
C PRO A 269 50.13 10.55 -11.69
N LEU A 270 49.86 11.78 -11.29
CA LEU A 270 50.72 12.90 -11.68
C LEU A 270 51.72 13.25 -10.58
N THR A 271 52.98 13.42 -10.97
CA THR A 271 54.04 13.79 -10.03
C THR A 271 54.53 15.20 -10.34
N LEU A 272 54.16 16.14 -9.47
CA LEU A 272 54.45 17.56 -9.69
C LEU A 272 55.52 18.10 -8.74
N ARG A 273 56.47 18.84 -9.28
CA ARG A 273 57.58 19.37 -8.48
C ARG A 273 57.68 20.88 -8.65
N TRP A 274 58.19 21.56 -7.62
CA TRP A 274 58.36 23.01 -7.68
C TRP A 274 59.76 23.38 -8.17
N GLU A 275 59.80 24.12 -9.28
CA GLU A 275 61.07 24.54 -9.86
C GLU A 275 61.14 26.05 -10.04
N PRO A 276 62.05 26.69 -9.29
CA PRO A 276 62.30 28.14 -9.40
C PRO A 276 62.90 28.51 -10.76
N MET B 1 20.62 14.01 21.50
CA MET B 1 20.80 15.20 20.70
C MET B 1 22.28 15.58 20.57
N ILE B 2 22.78 15.62 19.33
CA ILE B 2 24.17 16.00 19.08
C ILE B 2 24.22 17.22 18.16
N GLN B 3 25.24 18.06 18.36
CA GLN B 3 25.41 19.25 17.54
C GLN B 3 26.80 19.30 16.93
N ARG B 4 26.88 19.79 15.69
CA ARG B 4 28.16 19.92 15.00
C ARG B 4 28.34 21.33 14.43
N THR B 5 29.50 21.92 14.70
CA THR B 5 29.82 23.24 14.19
C THR B 5 30.18 23.18 12.71
N PRO B 6 29.59 24.05 11.89
CA PRO B 6 29.86 24.08 10.45
C PRO B 6 31.30 24.39 10.10
N LYS B 7 31.87 23.63 9.16
CA LYS B 7 33.16 23.96 8.58
C LYS B 7 32.93 24.94 7.43
N ILE B 8 33.60 26.08 7.48
CA ILE B 8 33.37 27.13 6.49
C ILE B 8 34.55 27.25 5.53
N GLN B 9 34.23 27.44 4.25
CA GLN B 9 35.26 27.66 3.23
C GLN B 9 34.84 28.76 2.26
N VAL B 10 35.64 29.82 2.19
CA VAL B 10 35.39 30.91 1.25
C VAL B 10 36.37 30.83 0.09
N TYR B 11 35.84 30.76 -1.12
CA TYR B 11 36.67 30.62 -2.31
C TYR B 11 35.94 31.09 -3.55
N SER B 12 36.58 30.96 -4.71
CA SER B 12 35.99 31.38 -5.97
C SER B 12 35.84 30.21 -6.93
N ARG B 13 34.82 30.27 -7.78
CA ARG B 13 34.58 29.22 -8.77
C ARG B 13 35.75 29.12 -9.74
N HIS B 14 36.14 30.26 -10.30
CA HIS B 14 37.30 30.32 -11.18
C HIS B 14 38.43 31.07 -10.48
N PRO B 15 39.69 30.79 -10.87
CA PRO B 15 40.85 31.53 -10.35
C PRO B 15 40.67 33.03 -10.51
N ALA B 16 41.02 33.79 -9.47
CA ALA B 16 40.74 35.22 -9.42
C ALA B 16 41.48 36.04 -10.47
N GLU B 17 40.72 36.78 -11.27
CA GLU B 17 41.26 37.76 -12.20
C GLU B 17 40.62 39.11 -11.89
N ASN B 18 41.44 40.10 -11.52
CA ASN B 18 40.93 41.40 -11.06
C ASN B 18 40.07 42.16 -12.06
N GLY B 19 40.08 41.71 -13.32
CA GLY B 19 39.27 42.36 -14.34
C GLY B 19 38.06 41.54 -14.71
N LYS B 20 38.20 40.22 -14.66
CA LYS B 20 37.14 39.31 -15.09
C LYS B 20 36.12 39.04 -13.98
N SER B 21 34.88 38.77 -14.37
CA SER B 21 33.83 38.40 -13.43
C SER B 21 34.01 36.96 -12.94
N ASN B 22 33.42 36.65 -11.79
CA ASN B 22 33.57 35.33 -11.19
C ASN B 22 32.46 35.03 -10.19
N PHE B 23 32.53 33.89 -9.53
CA PHE B 23 31.54 33.50 -8.53
C PHE B 23 32.18 33.29 -7.15
N LEU B 24 31.55 33.84 -6.11
CA LEU B 24 32.06 33.72 -4.75
C LEU B 24 31.36 32.60 -3.99
N ASN B 25 32.13 31.62 -3.51
CA ASN B 25 31.54 30.45 -2.86
C ASN B 25 31.82 30.39 -1.37
N CYS B 26 30.76 30.19 -0.59
CA CYS B 26 30.88 29.91 0.82
C CYS B 26 30.33 28.53 1.08
N TYR B 27 31.22 27.59 1.39
CA TYR B 27 30.83 26.20 1.55
C TYR B 27 30.80 25.75 3.01
N VAL B 28 29.63 25.88 3.64
CA VAL B 28 29.42 25.35 4.97
C VAL B 28 29.08 23.86 4.88
N SER B 29 29.62 23.07 5.80
CA SER B 29 29.42 21.62 5.76
C SER B 29 29.64 20.98 7.13
N GLY B 30 29.17 19.75 7.27
CA GLY B 30 29.38 18.98 8.48
C GLY B 30 28.68 19.56 9.70
N PHE B 31 27.63 20.34 9.47
CA PHE B 31 26.94 21.00 10.57
C PHE B 31 25.63 20.31 10.95
N HIS B 32 25.30 20.37 12.23
CA HIS B 32 24.05 19.83 12.76
C HIS B 32 23.69 20.59 14.02
N PRO B 33 22.41 20.96 14.18
CA PRO B 33 21.24 20.71 13.33
C PRO B 33 21.22 21.49 12.01
N SER B 34 20.12 21.35 11.28
CA SER B 34 20.00 21.83 9.91
C SER B 34 19.95 23.35 9.80
N ASP B 35 19.35 24.00 10.78
CA ASP B 35 19.14 25.45 10.73
C ASP B 35 20.45 26.24 10.81
N ILE B 36 20.85 26.80 9.68
CA ILE B 36 22.07 27.60 9.60
C ILE B 36 21.78 28.93 8.90
N GLU B 37 22.67 29.91 9.10
CA GLU B 37 22.49 31.22 8.49
C GLU B 37 23.80 31.71 7.88
N VAL B 38 23.80 31.91 6.57
CA VAL B 38 25.01 32.29 5.85
C VAL B 38 24.83 33.53 4.98
N ASP B 39 25.72 34.51 5.18
CA ASP B 39 25.75 35.70 4.33
C ASP B 39 27.11 35.89 3.69
N LEU B 40 27.13 36.48 2.50
CA LEU B 40 28.37 36.85 1.83
C LEU B 40 28.59 38.35 1.95
N LEU B 41 29.82 38.75 2.25
CA LEU B 41 30.11 40.15 2.53
C LEU B 41 31.11 40.77 1.57
N LYS B 42 30.78 41.96 1.07
CA LYS B 42 31.76 42.78 0.37
C LYS B 42 32.08 44.03 1.20
N ASN B 43 33.33 44.09 1.66
CA ASN B 43 33.80 45.20 2.50
C ASN B 43 32.95 45.39 3.75
N GLY B 44 32.50 44.29 4.34
CA GLY B 44 31.79 44.35 5.61
C GLY B 44 30.28 44.43 5.51
N GLU B 45 29.78 44.76 4.32
CA GLU B 45 28.33 44.89 4.13
C GLU B 45 27.78 43.71 3.31
N ARG B 46 26.52 43.36 3.59
CA ARG B 46 25.89 42.19 2.99
C ARG B 46 25.67 42.33 1.48
N ILE B 47 26.22 41.38 0.73
CA ILE B 47 25.90 41.27 -0.69
C ILE B 47 24.49 40.71 -0.80
N GLU B 48 23.57 41.49 -1.34
CA GLU B 48 22.16 41.12 -1.30
C GLU B 48 21.84 39.89 -2.14
N LYS B 49 22.21 39.89 -3.41
CA LYS B 49 21.84 38.81 -4.31
C LYS B 49 22.71 37.57 -4.13
N VAL B 50 22.27 36.66 -3.26
CA VAL B 50 22.99 35.42 -2.98
C VAL B 50 22.09 34.20 -3.10
N GLU B 51 22.55 33.18 -3.80
CA GLU B 51 21.80 31.94 -3.92
C GLU B 51 22.54 30.78 -3.27
N HIS B 52 21.82 29.69 -3.02
CA HIS B 52 22.39 28.53 -2.35
C HIS B 52 21.86 27.23 -2.91
N SER B 53 22.54 26.13 -2.59
CA SER B 53 22.13 24.81 -3.06
C SER B 53 20.95 24.31 -2.24
N ASP B 54 20.49 23.10 -2.56
CA ASP B 54 19.41 22.46 -1.83
C ASP B 54 19.95 21.60 -0.70
N LEU B 55 19.25 21.59 0.42
CA LEU B 55 19.75 20.95 1.63
C LEU B 55 19.97 19.45 1.45
N SER B 56 21.24 19.06 1.39
CA SER B 56 21.62 17.65 1.38
C SER B 56 22.54 17.37 2.55
N PHE B 57 22.94 16.11 2.71
CA PHE B 57 23.86 15.76 3.80
C PHE B 57 24.77 14.60 3.40
N SER B 58 25.91 14.51 4.06
CA SER B 58 26.89 13.46 3.78
C SER B 58 26.52 12.16 4.50
N LYS B 59 27.47 11.23 4.52
CA LYS B 59 27.23 9.90 5.10
C LYS B 59 26.98 9.98 6.61
N ASP B 60 27.65 10.91 7.29
CA ASP B 60 27.54 11.01 8.74
C ASP B 60 26.36 11.89 9.18
N TRP B 61 25.35 11.97 8.31
CA TRP B 61 24.10 12.68 8.59
C TRP B 61 24.29 14.19 8.84
N SER B 62 25.47 14.70 8.53
CA SER B 62 25.73 16.13 8.68
C SER B 62 25.53 16.84 7.35
N PHE B 63 24.81 17.96 7.38
CA PHE B 63 24.39 18.65 6.17
C PHE B 63 25.52 19.47 5.54
N TYR B 64 25.41 19.71 4.24
CA TYR B 64 26.31 20.62 3.55
C TYR B 64 25.52 21.57 2.66
N LEU B 65 25.98 22.81 2.58
CA LEU B 65 25.32 23.82 1.76
C LEU B 65 26.35 24.72 1.08
N LEU B 66 26.05 25.13 -0.14
CA LEU B 66 26.95 26.01 -0.88
C LEU B 66 26.26 27.34 -1.25
N TYR B 67 26.67 28.41 -0.60
CA TYR B 67 26.16 29.74 -0.93
C TYR B 67 27.06 30.42 -1.96
N TYR B 68 26.47 30.86 -3.05
CA TYR B 68 27.23 31.44 -4.15
C TYR B 68 26.59 32.72 -4.70
N THR B 69 27.43 33.61 -5.20
CA THR B 69 26.97 34.84 -5.86
C THR B 69 27.97 35.30 -6.91
N GLU B 70 27.49 36.12 -7.85
CA GLU B 70 28.33 36.65 -8.92
C GLU B 70 29.05 37.92 -8.47
N PHE B 71 30.35 37.99 -8.72
CA PHE B 71 31.13 39.14 -8.30
C PHE B 71 32.36 39.38 -9.18
N THR B 72 32.78 40.64 -9.23
CA THR B 72 33.98 41.03 -9.98
C THR B 72 35.07 41.51 -9.02
N PRO B 73 36.12 40.68 -8.84
CA PRO B 73 37.21 40.95 -7.90
C PRO B 73 37.97 42.24 -8.22
N THR B 74 38.55 42.86 -7.21
CA THR B 74 39.41 44.01 -7.40
C THR B 74 40.59 43.94 -6.42
N GLU B 75 41.50 44.91 -6.51
CA GLU B 75 42.71 44.88 -5.69
C GLU B 75 42.45 45.11 -4.21
N LYS B 76 41.55 46.05 -3.90
CA LYS B 76 41.39 46.48 -2.51
C LYS B 76 40.02 46.20 -1.90
N ASP B 77 39.18 45.44 -2.61
CA ASP B 77 37.92 45.00 -2.03
C ASP B 77 38.12 43.77 -1.16
N GLU B 78 37.50 43.76 0.02
CA GLU B 78 37.62 42.64 0.94
C GLU B 78 36.34 41.82 0.98
N TYR B 79 36.42 40.57 0.55
CA TYR B 79 35.28 39.67 0.58
C TYR B 79 35.40 38.67 1.71
N ALA B 80 34.26 38.27 2.26
CA ALA B 80 34.24 37.32 3.36
C ALA B 80 32.90 36.60 3.45
N CYS B 81 32.79 35.71 4.43
CA CYS B 81 31.56 34.97 4.64
C CYS B 81 31.24 34.88 6.13
N ARG B 82 30.08 35.41 6.50
CA ARG B 82 29.63 35.38 7.88
C ARG B 82 28.57 34.30 8.08
N VAL B 83 28.84 33.37 8.99
CA VAL B 83 27.94 32.25 9.24
C VAL B 83 27.52 32.20 10.71
N ASN B 84 26.22 32.06 10.95
CA ASN B 84 25.71 31.89 12.31
C ASN B 84 25.01 30.55 12.48
N HIS B 85 25.21 29.94 13.65
CA HIS B 85 24.65 28.62 13.92
C HIS B 85 24.31 28.48 15.41
N VAL B 86 23.54 27.46 15.76
CA VAL B 86 23.15 27.24 17.15
C VAL B 86 24.36 26.81 17.98
N THR B 87 25.40 26.34 17.30
CA THR B 87 26.64 25.95 17.96
C THR B 87 27.59 27.14 18.08
N LEU B 88 27.25 28.23 17.40
CA LEU B 88 28.07 29.43 17.42
C LEU B 88 27.50 30.48 18.36
N SER B 89 28.30 30.89 19.34
CA SER B 89 27.91 31.93 20.28
C SER B 89 27.78 33.26 19.54
N GLN B 90 28.75 33.55 18.70
CA GLN B 90 28.76 34.77 17.91
C GLN B 90 28.84 34.43 16.42
N PRO B 91 28.26 35.28 15.56
CA PRO B 91 28.40 35.13 14.11
C PRO B 91 29.86 35.05 13.69
N LYS B 92 30.23 33.94 13.05
CA LYS B 92 31.61 33.65 12.70
C LYS B 92 31.94 34.11 11.28
N ILE B 93 33.02 34.87 11.13
CA ILE B 93 33.39 35.42 9.84
C ILE B 93 34.70 34.84 9.32
N VAL B 94 34.71 34.46 8.04
CA VAL B 94 35.92 33.95 7.40
C VAL B 94 36.30 34.82 6.20
N LYS B 95 37.41 35.54 6.33
CA LYS B 95 37.88 36.41 5.26
C LYS B 95 38.38 35.58 4.07
N TRP B 96 38.12 36.06 2.86
CA TRP B 96 38.50 35.33 1.67
C TRP B 96 39.95 35.56 1.27
N ASP B 97 40.67 34.47 1.04
CA ASP B 97 42.02 34.53 0.50
C ASP B 97 41.99 34.01 -0.93
N ARG B 98 42.39 34.86 -1.88
CA ARG B 98 42.29 34.51 -3.30
C ARG B 98 43.24 33.39 -3.69
N ASP B 99 44.13 33.02 -2.78
CA ASP B 99 45.04 31.89 -3.03
C ASP B 99 44.82 30.78 -2.00
N MET B 100 43.57 30.62 -1.59
CA MET B 100 43.23 29.63 -0.58
C MET B 100 41.72 29.42 -0.52
N GLN C 1 2.02 -6.24 -13.24
CA GLN C 1 1.91 -7.14 -12.09
C GLN C 1 0.55 -7.83 -12.07
N LEU C 2 0.52 -9.10 -12.44
CA LEU C 2 -0.73 -9.84 -12.56
C LEU C 2 -0.71 -11.16 -11.80
N LEU C 3 -1.83 -11.52 -11.18
CA LEU C 3 -1.97 -12.80 -10.51
C LEU C 3 -3.11 -13.60 -11.15
N GLU C 4 -2.78 -14.77 -11.68
CA GLU C 4 -3.75 -15.62 -12.36
C GLU C 4 -4.01 -16.88 -11.55
N GLN C 5 -5.29 -17.25 -11.41
CA GLN C 5 -5.66 -18.42 -10.64
C GLN C 5 -6.42 -19.45 -11.49
N SER C 6 -6.02 -20.71 -11.35
CA SER C 6 -6.70 -21.82 -12.03
C SER C 6 -6.86 -22.98 -11.07
N PRO C 7 -8.04 -23.62 -11.09
CA PRO C 7 -9.17 -23.34 -11.99
C PRO C 7 -10.07 -22.23 -11.47
N GLN C 8 -10.92 -21.69 -12.32
CA GLN C 8 -11.88 -20.67 -11.88
C GLN C 8 -12.93 -21.29 -10.98
N PHE C 9 -13.51 -22.39 -11.43
CA PHE C 9 -14.53 -23.10 -10.65
C PHE C 9 -14.13 -24.55 -10.42
N LEU C 10 -14.29 -25.00 -9.17
CA LEU C 10 -14.02 -26.38 -8.83
C LEU C 10 -15.15 -26.94 -7.97
N SER C 11 -15.77 -28.00 -8.46
CA SER C 11 -16.87 -28.64 -7.73
C SER C 11 -16.60 -30.14 -7.57
N ILE C 12 -15.99 -30.50 -6.44
CA ILE C 12 -15.68 -31.90 -6.16
C ILE C 12 -16.43 -32.44 -4.95
N GLN C 13 -16.36 -33.76 -4.77
CA GLN C 13 -17.09 -34.42 -3.69
C GLN C 13 -16.42 -34.25 -2.33
N GLU C 14 -17.21 -34.43 -1.28
CA GLU C 14 -16.75 -34.30 0.09
C GLU C 14 -15.74 -35.38 0.46
N GLY C 15 -14.70 -35.01 1.21
CA GLY C 15 -13.75 -35.97 1.73
C GLY C 15 -12.47 -36.08 0.93
N GLU C 16 -12.50 -35.62 -0.31
CA GLU C 16 -11.33 -35.73 -1.19
C GLU C 16 -10.35 -34.58 -1.00
N ASN C 17 -9.21 -34.68 -1.65
CA ASN C 17 -8.17 -33.66 -1.55
C ASN C 17 -8.03 -32.88 -2.85
N LEU C 18 -7.76 -31.58 -2.74
CA LEU C 18 -7.68 -30.72 -3.91
C LEU C 18 -6.45 -29.82 -3.89
N THR C 19 -6.30 -29.00 -4.93
CA THR C 19 -5.20 -28.04 -5.00
C THR C 19 -5.59 -26.86 -5.89
N VAL C 20 -5.45 -25.66 -5.36
CA VAL C 20 -5.74 -24.44 -6.10
C VAL C 20 -4.46 -23.69 -6.39
N TYR C 21 -4.33 -23.15 -7.61
CA TYR C 21 -3.08 -22.53 -8.03
C TYR C 21 -3.18 -21.03 -8.21
N CYS C 22 -2.07 -20.34 -7.96
CA CYS C 22 -1.96 -18.90 -8.20
C CYS C 22 -0.60 -18.61 -8.81
N ASN C 23 -0.59 -18.30 -10.11
CA ASN C 23 0.66 -18.13 -10.84
C ASN C 23 0.87 -16.70 -11.31
N SER C 24 2.15 -16.31 -11.40
CA SER C 24 2.50 -14.96 -11.84
C SER C 24 3.89 -14.91 -12.47
N SER C 25 4.03 -14.04 -13.45
CA SER C 25 5.33 -13.80 -14.08
C SER C 25 6.20 -12.92 -13.21
N SER C 26 5.60 -12.28 -12.22
CA SER C 26 6.30 -11.34 -11.36
C SER C 26 6.73 -12.01 -10.05
N VAL C 27 7.79 -11.48 -9.45
CA VAL C 27 8.26 -11.97 -8.17
C VAL C 27 7.56 -11.21 -7.05
N PHE C 28 7.20 -11.91 -5.98
CA PHE C 28 6.48 -11.30 -4.87
C PHE C 28 7.24 -11.47 -3.54
N SER C 29 7.34 -10.39 -2.79
CA SER C 29 7.98 -10.42 -1.49
C SER C 29 7.10 -11.15 -0.48
N SER C 30 5.80 -10.91 -0.56
CA SER C 30 4.83 -11.58 0.30
C SER C 30 3.57 -11.92 -0.48
N LEU C 31 2.95 -13.05 -0.14
CA LEU C 31 1.72 -13.47 -0.79
C LEU C 31 0.68 -13.91 0.24
N GLN C 32 -0.57 -13.52 0.02
CA GLN C 32 -1.63 -13.83 0.97
C GLN C 32 -2.73 -14.68 0.34
N TRP C 33 -3.35 -15.52 1.16
CA TRP C 33 -4.52 -16.31 0.74
C TRP C 33 -5.76 -15.90 1.53
N TYR C 34 -6.86 -15.68 0.82
CA TYR C 34 -8.12 -15.30 1.47
C TYR C 34 -9.21 -16.31 1.15
N ARG C 35 -10.25 -16.32 1.97
CA ARG C 35 -11.42 -17.14 1.74
C ARG C 35 -12.68 -16.33 1.99
N GLN C 36 -13.46 -16.08 0.93
CA GLN C 36 -14.63 -15.22 1.04
C GLN C 36 -15.93 -15.97 0.81
N GLU C 37 -16.84 -15.87 1.77
CA GLU C 37 -18.19 -16.36 1.60
C GLU C 37 -19.04 -15.24 1.00
N PRO C 38 -20.05 -15.60 0.19
CA PRO C 38 -20.90 -14.62 -0.50
C PRO C 38 -21.53 -13.58 0.42
N GLY C 39 -21.25 -12.31 0.17
CA GLY C 39 -21.86 -11.23 0.92
C GLY C 39 -21.11 -10.84 2.18
N GLU C 40 -20.02 -11.54 2.47
CA GLU C 40 -19.25 -11.27 3.68
C GLU C 40 -17.80 -10.90 3.36
N GLY C 41 -17.10 -10.37 4.36
CA GLY C 41 -15.73 -9.95 4.18
C GLY C 41 -14.76 -11.11 4.12
N PRO C 42 -13.82 -11.08 3.16
CA PRO C 42 -12.79 -12.12 2.99
C PRO C 42 -11.98 -12.33 4.27
N VAL C 43 -11.71 -13.59 4.60
CA VAL C 43 -10.95 -13.92 5.80
C VAL C 43 -9.51 -14.28 5.46
N LEU C 44 -8.55 -13.60 6.08
CA LEU C 44 -7.14 -13.86 5.85
C LEU C 44 -6.75 -15.25 6.37
N LEU C 45 -6.21 -16.07 5.48
CA LEU C 45 -5.84 -17.43 5.84
C LEU C 45 -4.37 -17.54 6.20
N VAL C 46 -3.51 -17.00 5.34
CA VAL C 46 -2.07 -17.14 5.54
C VAL C 46 -1.28 -16.07 4.79
N THR C 47 -0.05 -15.83 5.25
CA THR C 47 0.88 -14.96 4.55
C THR C 47 2.21 -15.69 4.40
N VAL C 48 2.60 -15.97 3.16
CA VAL C 48 3.86 -16.66 2.90
C VAL C 48 4.95 -15.68 2.46
N VAL C 49 6.16 -15.92 2.92
CA VAL C 49 7.27 -15.00 2.67
C VAL C 49 8.44 -15.67 1.98
N THR C 50 9.11 -16.58 2.69
CA THR C 50 10.29 -17.26 2.16
C THR C 50 9.92 -18.20 1.02
N GLY C 51 10.86 -18.38 0.09
CA GLY C 51 10.66 -19.29 -1.03
C GLY C 51 10.67 -20.73 -0.58
N GLY C 52 9.74 -21.52 -1.10
CA GLY C 52 9.63 -22.93 -0.74
C GLY C 52 8.96 -23.14 0.59
N GLU C 53 8.30 -22.09 1.10
CA GLU C 53 7.67 -22.15 2.41
C GLU C 53 6.46 -23.08 2.43
N VAL C 54 6.34 -23.86 3.51
CA VAL C 54 5.19 -24.73 3.71
C VAL C 54 4.54 -24.47 5.06
N LYS C 55 3.29 -24.02 5.03
CA LYS C 55 2.57 -23.73 6.27
C LYS C 55 1.20 -24.37 6.26
N LYS C 56 0.74 -24.81 7.44
CA LYS C 56 -0.56 -25.47 7.54
C LYS C 56 -1.52 -24.73 8.48
N LEU C 57 -2.76 -24.61 8.05
CA LEU C 57 -3.83 -24.07 8.88
C LEU C 57 -5.01 -25.03 8.87
N LYS C 58 -5.21 -25.72 9.97
CA LYS C 58 -6.22 -26.77 10.08
C LYS C 58 -5.99 -27.85 9.02
N ARG C 59 -6.89 -27.93 8.03
CA ARG C 59 -6.74 -28.90 6.96
C ARG C 59 -6.12 -28.26 5.73
N LEU C 60 -6.02 -26.93 5.75
CA LEU C 60 -5.43 -26.20 4.64
C LEU C 60 -3.91 -26.31 4.67
N THR C 61 -3.31 -26.38 3.49
CA THR C 61 -1.86 -26.45 3.36
C THR C 61 -1.37 -25.51 2.27
N PHE C 62 -0.50 -24.57 2.64
CA PHE C 62 -0.05 -23.53 1.72
C PHE C 62 1.39 -23.73 1.28
N GLN C 63 1.64 -23.48 0.00
CA GLN C 63 2.96 -23.67 -0.59
CA GLN C 63 2.96 -23.67 -0.57
C GLN C 63 3.40 -22.43 -1.35
N PHE C 64 4.63 -21.97 -1.09
CA PHE C 64 5.17 -20.82 -1.80
C PHE C 64 6.25 -21.27 -2.78
N GLY C 65 6.20 -20.77 -4.00
CA GLY C 65 7.17 -21.11 -5.02
C GLY C 65 8.57 -20.73 -4.61
N ASP C 66 9.56 -21.51 -5.07
CA ASP C 66 10.95 -21.25 -4.73
C ASP C 66 11.42 -19.91 -5.28
N ALA C 67 10.91 -19.56 -6.47
CA ALA C 67 11.22 -18.28 -7.08
C ALA C 67 10.21 -17.22 -6.64
N ARG C 68 9.29 -17.62 -5.77
CA ARG C 68 8.24 -16.75 -5.24
C ARG C 68 7.42 -16.15 -6.37
N LYS C 69 7.06 -16.98 -7.33
CA LYS C 69 6.26 -16.55 -8.47
C LYS C 69 4.98 -17.36 -8.57
N ASP C 70 4.90 -18.40 -7.75
CA ASP C 70 3.73 -19.29 -7.73
C ASP C 70 3.33 -19.66 -6.32
N SER C 71 2.08 -20.06 -6.15
CA SER C 71 1.58 -20.48 -4.85
C SER C 71 0.44 -21.48 -5.02
N SER C 72 0.28 -22.38 -4.04
CA SER C 72 -0.76 -23.39 -4.11
C SER C 72 -1.46 -23.60 -2.78
N LEU C 73 -2.78 -23.81 -2.85
CA LEU C 73 -3.59 -24.05 -1.67
C LEU C 73 -4.12 -25.47 -1.70
N HIS C 74 -3.68 -26.29 -0.75
CA HIS C 74 -4.09 -27.68 -0.69
C HIS C 74 -5.05 -27.96 0.46
N ILE C 75 -6.25 -28.43 0.14
CA ILE C 75 -7.23 -28.82 1.15
C ILE C 75 -7.25 -30.33 1.32
N THR C 76 -7.11 -30.79 2.56
CA THR C 76 -7.16 -32.22 2.87
C THR C 76 -8.50 -32.59 3.49
N ALA C 77 -9.10 -33.67 3.01
CA ALA C 77 -10.43 -34.12 3.44
C ALA C 77 -11.45 -32.99 3.33
N ALA C 78 -11.76 -32.60 2.10
CA ALA C 78 -12.64 -31.47 1.82
C ALA C 78 -14.02 -31.64 2.42
N GLN C 79 -14.49 -30.60 3.10
CA GLN C 79 -15.83 -30.59 3.69
C GLN C 79 -16.68 -29.50 3.04
N PRO C 80 -18.02 -29.68 3.02
CA PRO C 80 -18.92 -28.68 2.45
C PRO C 80 -18.76 -27.28 3.06
N GLY C 81 -18.11 -27.20 4.22
CA GLY C 81 -17.82 -25.92 4.83
C GLY C 81 -16.73 -25.16 4.10
N ASP C 82 -15.91 -25.88 3.34
CA ASP C 82 -14.84 -25.26 2.57
C ASP C 82 -15.38 -24.51 1.36
N THR C 83 -16.68 -24.62 1.14
CA THR C 83 -17.32 -23.96 0.00
C THR C 83 -17.18 -22.45 0.09
N GLY C 84 -16.57 -21.85 -0.93
CA GLY C 84 -16.37 -20.42 -0.97
C GLY C 84 -15.33 -20.00 -2.00
N LEU C 85 -15.07 -18.71 -2.07
CA LEU C 85 -14.10 -18.18 -3.02
C LEU C 85 -12.72 -18.06 -2.38
N TYR C 86 -11.71 -18.64 -3.03
CA TYR C 86 -10.35 -18.60 -2.53
C TYR C 86 -9.50 -17.66 -3.36
N LEU C 87 -9.04 -16.58 -2.74
CA LEU C 87 -8.33 -15.51 -3.45
C LEU C 87 -6.84 -15.51 -3.20
N CYS C 88 -6.07 -15.21 -4.25
CA CYS C 88 -4.63 -15.09 -4.16
C CYS C 88 -4.24 -13.62 -4.20
N ALA C 89 -3.48 -13.16 -3.20
CA ALA C 89 -3.09 -11.76 -3.12
C ALA C 89 -1.58 -11.60 -2.92
N GLY C 90 -0.99 -10.65 -3.64
CA GLY C 90 0.43 -10.41 -3.56
C GLY C 90 0.79 -8.94 -3.39
N ALA C 91 1.97 -8.69 -2.82
CA ALA C 91 2.42 -7.33 -2.54
C ALA C 91 2.66 -6.53 -3.82
N GLY C 92 1.79 -5.56 -4.07
CA GLY C 92 1.93 -4.69 -5.23
C GLY C 92 2.95 -3.59 -4.98
N SER C 93 3.59 -3.15 -6.06
CA SER C 93 4.64 -2.14 -5.94
C SER C 93 4.10 -0.77 -5.58
N GLN C 94 2.87 -0.46 -6.01
CA GLN C 94 2.29 0.86 -5.82
C GLN C 94 1.55 1.01 -4.49
N GLY C 95 2.04 0.31 -3.46
CA GLY C 95 1.44 0.43 -2.13
C GLY C 95 0.08 -0.22 -2.00
N ASN C 96 -0.17 -1.24 -2.80
CA ASN C 96 -1.43 -1.96 -2.77
C ASN C 96 -1.24 -3.46 -2.83
N LEU C 97 -2.35 -4.20 -2.81
CA LEU C 97 -2.30 -5.65 -2.99
C LEU C 97 -2.84 -6.02 -4.37
N ILE C 98 -2.13 -6.90 -5.06
CA ILE C 98 -2.60 -7.41 -6.34
C ILE C 98 -3.47 -8.64 -6.08
N PHE C 99 -4.70 -8.62 -6.59
CA PHE C 99 -5.63 -9.71 -6.33
C PHE C 99 -5.85 -10.60 -7.55
N GLY C 100 -6.00 -11.89 -7.30
CA GLY C 100 -6.42 -12.82 -8.33
C GLY C 100 -7.92 -12.78 -8.41
N LYS C 101 -8.49 -13.42 -9.42
CA LYS C 101 -9.94 -13.43 -9.59
C LYS C 101 -10.57 -14.58 -8.82
N GLY C 102 -9.73 -15.37 -8.16
CA GLY C 102 -10.20 -16.36 -7.22
C GLY C 102 -10.65 -17.68 -7.82
N THR C 103 -10.70 -18.70 -6.97
CA THR C 103 -11.21 -20.01 -7.33
C THR C 103 -12.45 -20.33 -6.53
N LYS C 104 -13.58 -20.44 -7.21
CA LYS C 104 -14.83 -20.78 -6.53
C LYS C 104 -14.90 -22.28 -6.30
N LEU C 105 -14.76 -22.69 -5.04
CA LEU C 105 -14.79 -24.10 -4.69
C LEU C 105 -16.16 -24.52 -4.16
N SER C 106 -16.70 -25.59 -4.74
CA SER C 106 -17.96 -26.15 -4.27
C SER C 106 -17.75 -27.58 -3.80
N VAL C 107 -17.68 -27.78 -2.48
CA VAL C 107 -17.51 -29.11 -1.92
C VAL C 107 -18.87 -29.76 -1.70
N LYS C 108 -19.26 -30.63 -2.63
CA LYS C 108 -20.56 -31.27 -2.58
C LYS C 108 -20.53 -32.47 -1.63
N PRO C 109 -21.60 -32.66 -0.85
CA PRO C 109 -21.67 -33.71 0.18
C PRO C 109 -21.91 -35.10 -0.40
N ASN C 110 -21.38 -36.13 0.25
CA ASN C 110 -21.66 -37.51 -0.13
C ASN C 110 -22.90 -38.05 0.59
N ILE C 111 -24.06 -37.85 -0.02
CA ILE C 111 -25.29 -38.36 0.58
C ILE C 111 -25.26 -39.90 0.55
N GLN C 112 -25.55 -40.50 1.69
CA GLN C 112 -25.41 -41.95 1.84
C GLN C 112 -26.39 -42.73 0.98
N ASN C 113 -27.68 -42.46 1.17
CA ASN C 113 -28.72 -43.18 0.45
C ASN C 113 -29.72 -42.24 -0.21
N PRO C 114 -29.51 -41.95 -1.50
CA PRO C 114 -30.36 -41.07 -2.30
C PRO C 114 -31.84 -41.45 -2.24
N ASP C 115 -32.69 -40.50 -1.89
CA ASP C 115 -34.12 -40.73 -1.79
C ASP C 115 -34.92 -39.70 -2.59
N PRO C 116 -34.68 -39.62 -3.92
CA PRO C 116 -35.24 -38.54 -4.75
C PRO C 116 -36.76 -38.53 -4.75
N ALA C 117 -37.35 -37.48 -4.17
CA ALA C 117 -38.79 -37.39 -4.04
C ALA C 117 -39.27 -35.95 -4.20
N VAL C 118 -40.47 -35.80 -4.77
CA VAL C 118 -41.07 -34.48 -4.95
C VAL C 118 -42.33 -34.37 -4.11
N TYR C 119 -42.36 -33.38 -3.22
CA TYR C 119 -43.49 -33.20 -2.32
C TYR C 119 -44.20 -31.87 -2.59
N GLN C 120 -45.41 -31.73 -2.06
CA GLN C 120 -46.15 -30.49 -2.18
C GLN C 120 -46.57 -29.96 -0.81
N LEU C 121 -46.20 -28.72 -0.54
CA LEU C 121 -46.50 -28.09 0.75
C LEU C 121 -47.55 -27.00 0.59
N ARG C 122 -48.44 -26.88 1.58
CA ARG C 122 -49.45 -25.82 1.57
C ARG C 122 -49.24 -24.85 2.73
N ASP C 123 -49.59 -23.58 2.48
CA ASP C 123 -49.38 -22.51 3.46
C ASP C 123 -50.05 -22.81 4.78
N SER C 124 -49.37 -22.47 5.87
CA SER C 124 -49.92 -22.65 7.21
C SER C 124 -51.11 -21.73 7.42
N LYS C 125 -51.11 -20.60 6.71
CA LYS C 125 -52.17 -19.61 6.84
C LYS C 125 -53.43 -20.01 6.09
N SER C 126 -53.31 -20.23 4.78
CA SER C 126 -54.47 -20.56 3.97
C SER C 126 -54.13 -21.30 2.67
N SER C 127 -55.01 -21.15 1.69
CA SER C 127 -54.90 -21.82 0.39
C SER C 127 -55.31 -20.86 -0.73
N ASP C 128 -54.86 -21.07 -1.97
CA ASP C 128 -54.05 -22.21 -2.42
C ASP C 128 -52.64 -22.19 -1.85
N LYS C 129 -51.81 -21.27 -2.36
CA LYS C 129 -50.46 -21.05 -1.84
C LYS C 129 -49.68 -22.35 -1.65
N SER C 130 -49.23 -22.95 -2.74
CA SER C 130 -48.54 -24.24 -2.65
C SER C 130 -47.20 -24.21 -3.36
N VAL C 131 -46.21 -24.88 -2.76
CA VAL C 131 -44.88 -25.00 -3.35
C VAL C 131 -44.45 -26.45 -3.46
N CYS C 132 -43.50 -26.72 -4.34
CA CYS C 132 -42.98 -28.06 -4.56
C CYS C 132 -41.59 -28.21 -3.97
N LEU C 133 -41.39 -29.23 -3.14
CA LEU C 133 -40.09 -29.46 -2.52
C LEU C 133 -39.35 -30.64 -3.15
N PHE C 134 -38.61 -30.36 -4.22
CA PHE C 134 -37.74 -31.35 -4.84
C PHE C 134 -36.52 -31.57 -3.96
N THR C 135 -36.45 -32.73 -3.31
CA THR C 135 -35.43 -32.96 -2.29
C THR C 135 -34.81 -34.36 -2.32
N ASP C 136 -33.76 -34.53 -1.51
CA ASP C 136 -33.06 -35.80 -1.35
C ASP C 136 -32.57 -36.38 -2.66
N PHE C 137 -32.06 -35.52 -3.53
CA PHE C 137 -31.52 -35.96 -4.82
C PHE C 137 -30.00 -36.01 -4.77
N ASP C 138 -29.40 -36.71 -5.73
CA ASP C 138 -27.94 -36.85 -5.76
C ASP C 138 -27.28 -35.54 -6.17
N SER C 139 -25.99 -35.40 -5.85
CA SER C 139 -25.27 -34.17 -6.09
C SER C 139 -25.07 -33.88 -7.57
N GLN C 140 -24.81 -34.93 -8.35
CA GLN C 140 -24.46 -34.78 -9.76
C GLN C 140 -25.58 -34.13 -10.59
N THR C 141 -26.84 -34.46 -10.29
CA THR C 141 -27.95 -33.91 -11.05
C THR C 141 -28.09 -32.41 -10.73
N ASN C 142 -28.45 -31.63 -11.75
CA ASN C 142 -28.57 -30.19 -11.60
C ASN C 142 -29.97 -29.68 -11.90
N VAL C 143 -30.51 -28.88 -11.00
CA VAL C 143 -31.84 -28.30 -11.16
C VAL C 143 -31.78 -27.05 -12.03
N SER C 144 -32.18 -27.18 -13.29
CA SER C 144 -32.21 -26.05 -14.22
C SER C 144 -33.26 -25.04 -13.78
N GLN C 145 -33.16 -23.82 -14.30
CA GLN C 145 -34.03 -22.74 -13.86
C GLN C 145 -35.35 -22.70 -14.61
N SER C 146 -36.09 -21.61 -14.43
CA SER C 146 -37.45 -21.49 -14.92
C SER C 146 -37.54 -21.04 -16.38
N LYS C 147 -38.75 -21.12 -16.93
CA LYS C 147 -39.01 -20.63 -18.28
C LYS C 147 -40.38 -19.96 -18.31
N ASP C 148 -41.32 -20.52 -17.56
CA ASP C 148 -42.64 -19.91 -17.39
C ASP C 148 -42.52 -18.67 -16.50
N SER C 149 -43.13 -17.57 -16.94
CA SER C 149 -43.03 -16.28 -16.27
C SER C 149 -43.53 -16.33 -14.83
N ASP C 150 -44.52 -17.18 -14.58
CA ASP C 150 -45.02 -17.36 -13.23
C ASP C 150 -44.08 -18.27 -12.44
N VAL C 151 -43.70 -19.38 -13.05
CA VAL C 151 -42.87 -20.37 -12.38
C VAL C 151 -41.51 -19.82 -11.96
N TYR C 152 -41.18 -19.98 -10.67
CA TYR C 152 -39.90 -19.56 -10.13
C TYR C 152 -39.19 -20.75 -9.48
N ILE C 153 -38.01 -21.09 -9.98
CA ILE C 153 -37.29 -22.25 -9.49
C ILE C 153 -35.98 -21.84 -8.80
N THR C 154 -35.84 -22.23 -7.54
CA THR C 154 -34.62 -21.94 -6.79
C THR C 154 -33.54 -22.96 -7.13
N ASP C 155 -32.31 -22.69 -6.70
CA ASP C 155 -31.20 -23.61 -6.92
C ASP C 155 -31.08 -24.57 -5.73
N LYS C 156 -30.34 -25.65 -5.92
CA LYS C 156 -30.14 -26.65 -4.89
C LYS C 156 -29.54 -26.06 -3.62
N CYS C 157 -29.86 -26.66 -2.47
CA CYS C 157 -29.40 -26.17 -1.18
C CYS C 157 -29.15 -27.32 -0.21
N VAL C 158 -27.98 -27.33 0.42
CA VAL C 158 -27.57 -28.44 1.26
C VAL C 158 -27.67 -28.10 2.74
N LEU C 159 -28.58 -28.77 3.44
CA LEU C 159 -28.72 -28.59 4.88
C LEU C 159 -28.17 -29.79 5.63
N ASP C 160 -27.62 -29.54 6.82
CA ASP C 160 -26.98 -30.60 7.60
C ASP C 160 -27.62 -30.75 8.98
N MET C 161 -28.33 -31.86 9.17
CA MET C 161 -28.87 -32.20 10.47
C MET C 161 -27.76 -32.81 11.33
N ARG C 162 -27.07 -31.95 12.08
CA ARG C 162 -25.89 -32.37 12.84
C ARG C 162 -26.22 -33.26 14.04
N SER C 163 -27.49 -33.61 14.20
CA SER C 163 -27.91 -34.47 15.28
C SER C 163 -27.16 -35.80 15.28
N MET C 164 -27.29 -36.56 14.19
CA MET C 164 -26.56 -37.81 14.04
C MET C 164 -26.09 -38.02 12.61
N ASP C 165 -25.28 -37.08 12.12
CA ASP C 165 -24.58 -37.20 10.84
C ASP C 165 -25.53 -37.45 9.66
N PHE C 166 -26.22 -36.41 9.21
CA PHE C 166 -27.09 -36.51 8.05
C PHE C 166 -27.19 -35.19 7.29
N LYS C 167 -26.98 -35.26 5.98
CA LYS C 167 -27.11 -34.10 5.11
C LYS C 167 -28.09 -34.41 3.97
N SER C 168 -28.58 -33.37 3.30
CA SER C 168 -29.54 -33.57 2.22
C SER C 168 -29.58 -32.41 1.24
N ASN C 169 -30.03 -32.71 0.01
CA ASN C 169 -30.21 -31.70 -1.01
C ASN C 169 -31.70 -31.38 -1.20
N SER C 170 -31.99 -30.13 -1.54
CA SER C 170 -33.37 -29.70 -1.69
C SER C 170 -33.52 -28.58 -2.72
N ALA C 171 -34.73 -28.45 -3.27
CA ALA C 171 -35.04 -27.41 -4.23
C ALA C 171 -36.50 -26.98 -4.10
N VAL C 172 -36.81 -25.76 -4.49
CA VAL C 172 -38.14 -25.21 -4.32
C VAL C 172 -38.65 -24.49 -5.56
N ALA C 173 -39.89 -24.78 -5.96
CA ALA C 173 -40.54 -24.07 -7.05
C ALA C 173 -41.97 -23.70 -6.65
N TRP C 174 -42.50 -22.65 -7.26
CA TRP C 174 -43.86 -22.19 -6.94
C TRP C 174 -44.52 -21.40 -8.06
N SER C 175 -45.84 -21.22 -7.94
CA SER C 175 -46.61 -20.45 -8.91
C SER C 175 -48.00 -20.11 -8.37
N ASN C 176 -48.59 -19.06 -8.92
CA ASN C 176 -49.98 -18.73 -8.63
C ASN C 176 -50.90 -19.34 -9.68
N LYS C 177 -50.32 -19.75 -10.82
CA LYS C 177 -51.08 -20.35 -11.91
C LYS C 177 -51.89 -21.55 -11.46
N SER C 178 -53.10 -21.68 -12.00
CA SER C 178 -53.99 -22.78 -11.68
C SER C 178 -53.50 -24.09 -12.27
N ASP C 179 -52.74 -23.99 -13.37
CA ASP C 179 -52.29 -25.18 -14.08
C ASP C 179 -50.89 -25.61 -13.64
N PHE C 180 -50.37 -24.98 -12.59
CA PHE C 180 -49.07 -25.36 -12.06
C PHE C 180 -49.17 -26.67 -11.29
N ALA C 181 -48.36 -27.65 -11.67
CA ALA C 181 -48.39 -28.96 -11.04
C ALA C 181 -46.99 -29.43 -10.65
N CYS C 182 -46.92 -30.32 -9.66
CA CYS C 182 -45.65 -30.86 -9.20
C CYS C 182 -44.99 -31.70 -10.28
N ALA C 183 -45.81 -32.38 -11.07
CA ALA C 183 -45.32 -33.25 -12.13
C ALA C 183 -44.82 -32.45 -13.32
N ASN C 184 -45.30 -31.22 -13.47
CA ASN C 184 -44.91 -30.38 -14.59
C ASN C 184 -43.92 -29.29 -14.16
N ALA C 185 -43.44 -29.39 -12.92
CA ALA C 185 -42.36 -28.54 -12.45
C ALA C 185 -41.05 -29.33 -12.46
N PHE C 186 -39.94 -28.63 -12.61
CA PHE C 186 -38.60 -29.23 -12.73
C PHE C 186 -38.44 -30.12 -13.96
N ASN C 187 -39.48 -30.23 -14.78
CA ASN C 187 -39.42 -31.02 -16.01
C ASN C 187 -38.52 -30.36 -17.05
N ASN C 188 -38.26 -29.06 -16.86
CA ASN C 188 -37.32 -28.34 -17.70
C ASN C 188 -35.90 -28.79 -17.37
N SER C 189 -35.75 -29.48 -16.24
CA SER C 189 -34.47 -30.01 -15.82
C SER C 189 -34.46 -31.54 -15.85
N ILE C 190 -33.27 -32.13 -15.93
CA ILE C 190 -33.13 -33.58 -15.95
C ILE C 190 -33.03 -34.13 -14.52
N ILE C 191 -34.06 -34.87 -14.11
CA ILE C 191 -34.12 -35.45 -12.78
C ILE C 191 -34.34 -36.96 -12.87
N PRO C 192 -33.85 -37.72 -11.88
CA PRO C 192 -34.01 -39.19 -11.89
C PRO C 192 -35.47 -39.63 -11.87
N GLU C 193 -35.77 -40.70 -12.60
CA GLU C 193 -37.14 -41.20 -12.69
C GLU C 193 -37.50 -42.02 -11.45
N ASP C 194 -36.54 -42.19 -10.54
CA ASP C 194 -36.76 -42.94 -9.31
C ASP C 194 -37.44 -42.07 -8.26
N THR C 195 -38.50 -41.39 -8.68
CA THR C 195 -39.26 -40.49 -7.80
C THR C 195 -40.02 -41.26 -6.73
N GLY D 1 -8.62 -5.40 18.92
CA GLY D 1 -9.06 -4.41 17.95
C GLY D 1 -9.61 -5.04 16.68
N GLY D 2 -10.25 -4.22 15.85
CA GLY D 2 -10.83 -4.72 14.62
C GLY D 2 -11.17 -3.64 13.61
N ILE D 3 -11.75 -4.05 12.48
CA ILE D 3 -12.13 -3.12 11.43
C ILE D 3 -13.63 -3.23 11.16
N THR D 4 -14.31 -2.09 11.12
CA THR D 4 -15.76 -2.08 11.04
C THR D 4 -16.30 -1.26 9.86
N GLN D 5 -17.45 -1.68 9.35
CA GLN D 5 -18.17 -0.92 8.35
C GLN D 5 -19.61 -0.71 8.79
N SER D 6 -20.13 0.50 8.58
CA SER D 6 -21.49 0.82 8.98
C SER D 6 -22.14 1.76 7.97
N PRO D 7 -23.38 1.45 7.57
CA PRO D 7 -24.13 0.26 8.00
C PRO D 7 -23.84 -0.95 7.13
N LYS D 8 -24.55 -2.05 7.39
CA LYS D 8 -24.40 -3.26 6.60
C LYS D 8 -25.17 -3.15 5.29
N TYR D 9 -26.37 -2.57 5.37
CA TYR D 9 -27.19 -2.35 4.20
C TYR D 9 -27.43 -0.87 3.96
N LEU D 10 -27.37 -0.46 2.69
CA LEU D 10 -27.46 0.95 2.34
C LEU D 10 -28.31 1.15 1.09
N PHE D 11 -29.30 2.02 1.17
CA PHE D 11 -30.22 2.24 0.07
C PHE D 11 -30.49 3.72 -0.19
N ARG D 12 -30.29 4.15 -1.44
CA ARG D 12 -30.45 5.55 -1.80
C ARG D 12 -31.21 5.72 -3.12
N LYS D 13 -31.73 6.92 -3.34
CA LYS D 13 -32.36 7.27 -4.62
C LYS D 13 -31.29 7.51 -5.67
N GLU D 14 -31.68 7.56 -6.94
CA GLU D 14 -30.74 7.83 -8.02
C GLU D 14 -30.27 9.27 -7.97
N GLY D 15 -28.95 9.47 -8.02
CA GLY D 15 -28.37 10.79 -8.13
C GLY D 15 -28.11 11.50 -6.81
N GLN D 16 -28.45 10.88 -5.69
CA GLN D 16 -28.15 11.46 -4.39
C GLN D 16 -26.91 10.82 -3.79
N ASN D 17 -25.96 11.66 -3.38
CA ASN D 17 -24.67 11.19 -2.87
C ASN D 17 -24.80 10.43 -1.55
N VAL D 18 -23.86 9.53 -1.32
CA VAL D 18 -23.84 8.74 -0.10
C VAL D 18 -22.39 8.46 0.31
N THR D 19 -22.13 8.43 1.61
CA THR D 19 -20.78 8.22 2.11
C THR D 19 -20.70 6.97 2.98
N LEU D 20 -19.77 6.08 2.64
CA LEU D 20 -19.56 4.85 3.39
C LEU D 20 -18.40 5.00 4.35
N SER D 21 -18.49 4.37 5.52
CA SER D 21 -17.50 4.56 6.56
C SER D 21 -16.77 3.27 6.93
N CYS D 22 -15.44 3.31 6.83
CA CYS D 22 -14.60 2.22 7.30
C CYS D 22 -13.67 2.74 8.38
N GLU D 23 -13.78 2.17 9.58
CA GLU D 23 -12.99 2.63 10.71
C GLU D 23 -12.23 1.49 11.38
N GLN D 24 -11.05 1.80 11.90
CA GLN D 24 -10.17 0.78 12.47
C GLN D 24 -9.61 1.19 13.83
N ASN D 25 -9.17 0.18 14.58
CA ASN D 25 -8.38 0.39 15.78
C ASN D 25 -7.26 -0.65 15.85
N LEU D 26 -6.83 -1.07 14.67
CA LEU D 26 -5.75 -2.05 14.54
C LEU D 26 -4.40 -1.36 14.41
N ASN D 27 -4.42 -0.03 14.51
CA ASN D 27 -3.23 0.80 14.30
C ASN D 27 -2.59 0.55 12.92
N HIS D 28 -3.40 0.69 11.89
CA HIS D 28 -2.92 0.50 10.51
C HIS D 28 -2.80 1.85 9.80
N ASP D 29 -1.75 2.00 8.99
CA ASP D 29 -1.54 3.24 8.25
C ASP D 29 -2.24 3.19 6.90
N ALA D 30 -2.37 1.98 6.35
CA ALA D 30 -2.96 1.80 5.03
C ALA D 30 -4.41 1.35 5.11
N MET D 31 -5.28 2.00 4.33
CA MET D 31 -6.68 1.59 4.24
C MET D 31 -7.14 1.54 2.78
N TYR D 32 -8.00 0.57 2.47
CA TYR D 32 -8.35 0.28 1.08
C TYR D 32 -9.86 0.22 0.86
N TRP D 33 -10.30 0.47 -0.37
CA TRP D 33 -11.71 0.34 -0.73
C TRP D 33 -11.90 -0.50 -1.98
N TYR D 34 -12.68 -1.57 -1.86
CA TYR D 34 -12.99 -2.44 -2.98
C TYR D 34 -14.50 -2.52 -3.21
N ARG D 35 -14.90 -2.61 -4.47
CA ARG D 35 -16.29 -2.89 -4.81
C ARG D 35 -16.37 -4.26 -5.49
N GLN D 36 -17.42 -5.00 -5.17
CA GLN D 36 -17.55 -6.38 -5.66
C GLN D 36 -18.95 -6.65 -6.22
N ASP D 37 -19.03 -6.91 -7.51
CA ASP D 37 -20.29 -7.28 -8.14
C ASP D 37 -20.61 -8.75 -7.87
N PRO D 38 -21.89 -9.14 -8.00
CA PRO D 38 -22.28 -10.55 -7.81
C PRO D 38 -21.54 -11.50 -8.74
N GLY D 39 -20.98 -12.56 -8.17
CA GLY D 39 -20.23 -13.54 -8.94
C GLY D 39 -18.98 -12.95 -9.58
N GLN D 40 -18.47 -11.88 -8.99
CA GLN D 40 -17.29 -11.20 -9.53
C GLN D 40 -16.15 -11.14 -8.53
N GLY D 41 -15.10 -10.42 -8.88
CA GLY D 41 -13.94 -10.25 -8.03
C GLY D 41 -13.88 -8.85 -7.43
N LEU D 42 -12.80 -8.58 -6.71
CA LEU D 42 -12.61 -7.29 -6.07
C LEU D 42 -12.01 -6.27 -7.03
N ARG D 43 -12.53 -5.05 -7.00
CA ARG D 43 -11.97 -3.96 -7.80
C ARG D 43 -11.62 -2.76 -6.93
N LEU D 44 -10.34 -2.42 -6.91
CA LEU D 44 -9.84 -1.34 -6.07
C LEU D 44 -10.33 0.03 -6.52
N ILE D 45 -10.96 0.76 -5.60
CA ILE D 45 -11.46 2.10 -5.89
C ILE D 45 -10.46 3.17 -5.49
N TYR D 46 -10.27 3.32 -4.18
CA TYR D 46 -9.30 4.27 -3.64
C TYR D 46 -8.54 3.61 -2.50
N TYR D 47 -7.33 4.08 -2.24
CA TYR D 47 -6.57 3.59 -1.10
C TYR D 47 -5.56 4.61 -0.61
N SER D 48 -5.33 4.61 0.70
CA SER D 48 -4.43 5.56 1.34
C SER D 48 -3.29 4.83 2.05
N GLN D 49 -2.06 5.08 1.62
CA GLN D 49 -0.90 4.45 2.24
C GLN D 49 -0.60 5.05 3.62
N ILE D 50 -1.04 6.29 3.82
CA ILE D 50 -0.76 7.04 5.04
C ILE D 50 -1.77 8.17 5.20
N VAL D 51 -1.98 8.63 6.44
CA VAL D 51 -2.90 9.72 6.72
C VAL D 51 -2.51 10.97 5.92
N ASN D 52 -3.51 11.76 5.54
CA ASN D 52 -3.32 12.98 4.75
C ASN D 52 -2.75 12.72 3.35
N ASP D 53 -2.98 11.51 2.83
CA ASP D 53 -2.57 11.18 1.47
C ASP D 53 -3.32 9.96 0.97
N PHE D 54 -3.81 10.05 -0.27
CA PHE D 54 -4.50 8.93 -0.90
C PHE D 54 -4.23 8.90 -2.40
N GLN D 55 -4.73 7.87 -3.08
CA GLN D 55 -4.49 7.73 -4.51
C GLN D 55 -5.56 6.87 -5.20
N LYS D 56 -5.78 7.15 -6.47
CA LYS D 56 -6.78 6.46 -7.27
C LYS D 56 -6.49 4.98 -7.41
N GLY D 57 -7.52 4.21 -7.76
CA GLY D 57 -7.37 2.80 -8.04
C GLY D 57 -7.67 2.51 -9.49
N ASP D 58 -8.08 1.29 -9.77
CA ASP D 58 -8.39 0.88 -11.14
C ASP D 58 -9.73 1.47 -11.59
N ILE D 59 -10.67 1.57 -10.67
CA ILE D 59 -12.01 2.03 -11.00
C ILE D 59 -12.42 3.15 -10.02
N ALA D 60 -11.65 4.24 -10.06
CA ALA D 60 -11.79 5.33 -9.09
C ALA D 60 -12.78 6.41 -9.52
N GLU D 61 -13.25 6.33 -10.77
CA GLU D 61 -14.17 7.33 -11.29
C GLU D 61 -15.52 7.29 -10.59
N GLY D 62 -16.03 8.46 -10.23
CA GLY D 62 -17.30 8.58 -9.56
C GLY D 62 -17.19 8.47 -8.04
N TYR D 63 -15.96 8.36 -7.55
CA TYR D 63 -15.74 8.24 -6.11
C TYR D 63 -14.77 9.30 -5.60
N SER D 64 -14.85 9.57 -4.30
CA SER D 64 -13.94 10.51 -3.65
C SER D 64 -13.77 10.13 -2.18
N VAL D 65 -12.54 10.21 -1.68
CA VAL D 65 -12.24 9.83 -0.31
C VAL D 65 -11.48 10.90 0.45
N SER D 66 -11.34 10.68 1.76
CA SER D 66 -10.55 11.56 2.61
C SER D 66 -9.85 10.74 3.69
N ARG D 67 -8.60 11.07 3.96
CA ARG D 67 -7.85 10.41 5.01
C ARG D 67 -7.24 11.46 5.94
N GLU D 68 -8.10 12.14 6.70
CA GLU D 68 -7.68 13.15 7.66
C GLU D 68 -7.33 12.49 8.98
N LYS D 69 -7.98 11.38 9.27
CA LYS D 69 -7.72 10.61 10.48
C LYS D 69 -7.25 9.20 10.13
N LYS D 70 -6.27 8.72 10.88
CA LYS D 70 -5.71 7.39 10.68
C LYS D 70 -6.75 6.30 10.89
N GLU D 71 -7.70 6.57 11.80
CA GLU D 71 -8.66 5.57 12.22
C GLU D 71 -9.73 5.28 11.16
N SER D 72 -10.13 6.30 10.40
CA SER D 72 -11.20 6.14 9.43
C SER D 72 -10.77 6.45 8.00
N PHE D 73 -11.59 6.02 7.05
CA PHE D 73 -11.32 6.25 5.63
C PHE D 73 -12.64 6.26 4.85
N PRO D 74 -13.39 7.38 4.93
CA PRO D 74 -14.71 7.53 4.33
C PRO D 74 -14.71 7.45 2.80
N LEU D 75 -15.60 6.64 2.25
CA LEU D 75 -15.77 6.54 0.80
C LEU D 75 -17.05 7.24 0.37
N THR D 76 -16.92 8.25 -0.49
CA THR D 76 -18.08 8.99 -0.95
C THR D 76 -18.47 8.58 -2.37
N VAL D 77 -19.65 7.98 -2.51
CA VAL D 77 -20.16 7.61 -3.82
C VAL D 77 -20.88 8.78 -4.47
N THR D 78 -20.19 9.45 -5.39
CA THR D 78 -20.74 10.61 -6.07
C THR D 78 -21.90 10.19 -6.98
N SER D 79 -22.75 11.16 -7.33
CA SER D 79 -23.87 10.89 -8.23
C SER D 79 -23.40 10.60 -9.65
N ALA D 80 -22.12 10.86 -9.92
CA ALA D 80 -21.56 10.68 -11.25
C ALA D 80 -21.23 9.22 -11.56
N GLN D 81 -21.40 8.35 -10.57
CA GLN D 81 -21.13 6.93 -10.78
C GLN D 81 -22.21 6.29 -11.63
N LYS D 82 -21.81 5.69 -12.74
CA LYS D 82 -22.75 5.10 -13.70
C LYS D 82 -23.48 3.89 -13.11
N ASN D 83 -22.75 3.06 -12.38
CA ASN D 83 -23.35 1.89 -11.74
C ASN D 83 -22.97 1.78 -10.27
N PRO D 84 -23.65 2.56 -9.42
CA PRO D 84 -23.35 2.64 -7.98
C PRO D 84 -23.64 1.35 -7.22
N THR D 85 -24.67 0.61 -7.64
CA THR D 85 -25.10 -0.58 -6.93
C THR D 85 -24.03 -1.68 -6.94
N ALA D 86 -23.48 -1.97 -5.78
CA ALA D 86 -22.46 -3.00 -5.63
C ALA D 86 -22.25 -3.39 -4.16
N PHE D 87 -21.34 -4.31 -3.93
CA PHE D 87 -20.95 -4.69 -2.58
C PHE D 87 -19.60 -4.09 -2.22
N TYR D 88 -19.59 -3.13 -1.30
CA TYR D 88 -18.36 -2.41 -0.97
C TYR D 88 -17.64 -3.00 0.22
N LEU D 89 -16.32 -3.07 0.12
CA LEU D 89 -15.48 -3.63 1.17
C LEU D 89 -14.32 -2.70 1.52
N CYS D 90 -14.13 -2.50 2.83
CA CYS D 90 -12.98 -1.74 3.29
C CYS D 90 -11.97 -2.68 3.93
N ALA D 91 -10.69 -2.42 3.68
CA ALA D 91 -9.62 -3.25 4.22
C ALA D 91 -8.47 -2.40 4.73
N SER D 92 -7.61 -2.99 5.54
CA SER D 92 -6.46 -2.27 6.09
C SER D 92 -5.29 -3.18 6.41
N SER D 93 -4.07 -2.65 6.23
CA SER D 93 -2.86 -3.37 6.56
C SER D 93 -1.96 -2.52 7.45
N ILE D 94 -1.13 -3.16 8.26
CA ILE D 94 -0.20 -2.47 9.15
C ILE D 94 0.67 -1.49 8.37
N ARG D 95 0.89 -1.79 7.10
CA ARG D 95 1.57 -0.90 6.18
C ARG D 95 1.12 -1.24 4.77
N SER D 96 1.35 -0.33 3.83
CA SER D 96 0.95 -0.56 2.44
C SER D 96 1.61 -1.82 1.88
N SER D 97 0.89 -2.50 0.97
CA SER D 97 1.37 -3.70 0.28
C SER D 97 1.51 -4.94 1.17
N TYR D 98 1.04 -4.89 2.41
CA TYR D 98 1.10 -6.07 3.27
C TYR D 98 -0.29 -6.65 3.48
N GLU D 99 -0.39 -7.72 4.28
CA GLU D 99 -1.65 -8.43 4.46
C GLU D 99 -2.77 -7.53 4.96
N GLN D 100 -3.91 -7.57 4.27
CA GLN D 100 -5.03 -6.69 4.61
C GLN D 100 -6.12 -7.44 5.37
N TYR D 101 -6.74 -6.75 6.31
CA TYR D 101 -7.86 -7.28 7.06
C TYR D 101 -9.14 -6.56 6.63
N PHE D 102 -10.10 -7.33 6.12
CA PHE D 102 -11.32 -6.75 5.57
C PHE D 102 -12.40 -6.50 6.61
N GLY D 103 -13.26 -5.54 6.32
CA GLY D 103 -14.43 -5.29 7.15
C GLY D 103 -15.56 -6.18 6.72
N PRO D 104 -16.68 -6.16 7.46
CA PRO D 104 -17.86 -6.98 7.18
C PRO D 104 -18.46 -6.69 5.80
N GLY D 105 -18.28 -5.47 5.31
CA GLY D 105 -18.80 -5.09 4.00
C GLY D 105 -20.12 -4.34 4.09
N THR D 106 -20.44 -3.62 3.02
CA THR D 106 -21.67 -2.84 2.96
C THR D 106 -22.35 -3.00 1.61
N ARG D 107 -23.62 -3.37 1.61
CA ARG D 107 -24.39 -3.48 0.37
C ARG D 107 -25.09 -2.17 0.05
N LEU D 108 -24.73 -1.57 -1.09
CA LEU D 108 -25.37 -0.34 -1.54
C LEU D 108 -26.26 -0.60 -2.76
N THR D 109 -27.50 -0.17 -2.69
CA THR D 109 -28.42 -0.30 -3.81
C THR D 109 -29.07 1.04 -4.15
N VAL D 110 -28.87 1.49 -5.39
CA VAL D 110 -29.41 2.75 -5.84
C VAL D 110 -30.56 2.52 -6.81
N THR D 111 -31.74 3.07 -6.48
CA THR D 111 -32.93 2.87 -7.28
C THR D 111 -33.28 4.10 -8.11
N GLU D 112 -34.11 3.90 -9.13
CA GLU D 112 -34.57 5.02 -9.97
C GLU D 112 -35.56 5.89 -9.21
N ASP D 113 -36.46 5.25 -8.46
CA ASP D 113 -37.45 5.96 -7.66
C ASP D 113 -37.85 5.15 -6.43
N LEU D 114 -38.21 5.84 -5.35
CA LEU D 114 -38.52 5.18 -4.08
C LEU D 114 -39.84 4.41 -4.13
N LYS D 115 -40.59 4.57 -5.22
CA LYS D 115 -41.88 3.91 -5.36
C LYS D 115 -41.71 2.40 -5.56
N ASN D 116 -40.55 2.00 -6.06
CA ASN D 116 -40.27 0.59 -6.34
C ASN D 116 -39.95 -0.21 -5.08
N VAL D 117 -39.88 0.47 -3.94
CA VAL D 117 -39.54 -0.18 -2.67
C VAL D 117 -40.73 -0.94 -2.09
N PHE D 118 -40.53 -2.23 -1.81
CA PHE D 118 -41.58 -3.06 -1.24
C PHE D 118 -41.05 -3.94 -0.11
N PRO D 119 -41.85 -4.08 0.96
CA PRO D 119 -41.52 -5.00 2.04
C PRO D 119 -41.85 -6.44 1.65
N PRO D 120 -41.13 -7.42 2.19
CA PRO D 120 -41.34 -8.83 1.85
C PRO D 120 -42.59 -9.42 2.47
N GLU D 121 -43.14 -10.44 1.82
CA GLU D 121 -44.24 -11.20 2.41
C GLU D 121 -43.76 -12.59 2.78
N VAL D 122 -43.88 -12.93 4.05
CA VAL D 122 -43.34 -14.18 4.58
C VAL D 122 -44.43 -15.23 4.79
N ALA D 123 -44.18 -16.43 4.28
CA ALA D 123 -45.13 -17.53 4.42
C ALA D 123 -44.42 -18.82 4.80
N VAL D 124 -44.90 -19.47 5.85
CA VAL D 124 -44.34 -20.76 6.27
C VAL D 124 -45.18 -21.90 5.72
N PHE D 125 -44.51 -22.84 5.05
CA PHE D 125 -45.20 -23.98 4.45
C PHE D 125 -45.00 -25.23 5.30
N GLU D 126 -46.10 -25.83 5.74
CA GLU D 126 -46.07 -27.01 6.59
C GLU D 126 -45.69 -28.26 5.80
N PRO D 127 -44.87 -29.13 6.41
CA PRO D 127 -44.36 -30.38 5.84
C PRO D 127 -45.43 -31.23 5.16
N SER D 128 -45.16 -31.66 3.94
CA SER D 128 -46.07 -32.56 3.23
C SER D 128 -46.17 -33.88 3.98
N GLU D 129 -47.40 -34.35 4.20
CA GLU D 129 -47.63 -35.57 4.95
C GLU D 129 -47.07 -36.80 4.22
N ALA D 130 -46.87 -36.66 2.91
CA ALA D 130 -46.26 -37.72 2.12
C ALA D 130 -44.80 -37.91 2.51
N GLU D 131 -44.19 -36.86 3.07
CA GLU D 131 -42.78 -36.89 3.42
C GLU D 131 -42.52 -37.66 4.71
N ILE D 132 -43.36 -37.42 5.71
CA ILE D 132 -43.18 -38.04 7.03
C ILE D 132 -43.22 -39.56 6.92
N SER D 133 -44.18 -40.09 6.18
CA SER D 133 -44.30 -41.52 5.97
C SER D 133 -43.11 -42.09 5.19
N HIS D 134 -42.60 -41.31 4.24
CA HIS D 134 -41.56 -41.77 3.33
C HIS D 134 -40.15 -41.69 3.92
N THR D 135 -39.81 -40.53 4.48
CA THR D 135 -38.45 -40.29 4.94
C THR D 135 -38.30 -40.25 6.46
N GLN D 136 -39.41 -40.44 7.16
CA GLN D 136 -39.44 -40.48 8.63
C GLN D 136 -38.96 -39.18 9.28
N LYS D 137 -38.78 -38.13 8.48
CA LYS D 137 -38.40 -36.82 8.98
C LYS D 137 -39.10 -35.71 8.19
N ALA D 138 -39.31 -34.56 8.83
CA ALA D 138 -40.11 -33.49 8.24
C ALA D 138 -39.29 -32.26 7.84
N THR D 139 -39.82 -31.49 6.90
CA THR D 139 -39.16 -30.29 6.39
C THR D 139 -40.05 -29.05 6.45
N LEU D 140 -39.56 -27.99 7.07
CA LEU D 140 -40.29 -26.73 7.10
C LEU D 140 -39.72 -25.77 6.04
N VAL D 141 -40.59 -24.94 5.47
CA VAL D 141 -40.18 -24.03 4.41
C VAL D 141 -40.72 -22.61 4.60
N CYS D 142 -39.82 -21.64 4.53
CA CYS D 142 -40.20 -20.22 4.54
C CYS D 142 -40.00 -19.64 3.15
N LEU D 143 -40.76 -18.59 2.82
CA LEU D 143 -40.70 -18.00 1.49
C LEU D 143 -41.00 -16.50 1.51
N ALA D 144 -39.97 -15.69 1.34
CA ALA D 144 -40.13 -14.25 1.24
C ALA D 144 -40.43 -13.87 -0.21
N THR D 145 -41.34 -12.91 -0.39
CA THR D 145 -41.85 -12.61 -1.72
C THR D 145 -42.00 -11.12 -2.03
N GLY D 146 -41.48 -10.70 -3.18
CA GLY D 146 -41.73 -9.38 -3.72
C GLY D 146 -41.10 -8.22 -2.98
N PHE D 147 -39.92 -8.44 -2.42
CA PHE D 147 -39.24 -7.38 -1.69
C PHE D 147 -38.18 -6.67 -2.52
N TYR D 148 -38.20 -5.34 -2.45
CA TYR D 148 -37.15 -4.51 -3.01
C TYR D 148 -36.75 -3.49 -1.95
N PRO D 149 -35.45 -3.34 -1.69
CA PRO D 149 -34.33 -3.92 -2.42
C PRO D 149 -33.96 -5.34 -1.99
N ASP D 150 -32.71 -5.73 -2.27
CA ASP D 150 -32.24 -7.07 -2.04
C ASP D 150 -31.65 -7.23 -0.64
N HIS D 151 -32.12 -6.40 0.29
CA HIS D 151 -31.54 -6.33 1.62
C HIS D 151 -32.41 -7.05 2.66
N VAL D 152 -32.16 -8.34 2.85
CA VAL D 152 -32.93 -9.14 3.81
C VAL D 152 -32.07 -10.12 4.61
N GLU D 153 -32.49 -10.39 5.83
CA GLU D 153 -31.82 -11.38 6.68
C GLU D 153 -32.83 -12.39 7.19
N LEU D 154 -32.65 -13.65 6.78
CA LEU D 154 -33.59 -14.70 7.14
C LEU D 154 -33.04 -15.60 8.24
N SER D 155 -33.89 -15.94 9.21
CA SER D 155 -33.49 -16.82 10.30
C SER D 155 -34.65 -17.72 10.73
N TRP D 156 -34.31 -18.89 11.28
CA TRP D 156 -35.31 -19.81 11.78
C TRP D 156 -35.30 -19.85 13.30
N TRP D 157 -36.50 -19.85 13.89
CA TRP D 157 -36.63 -19.80 15.34
C TRP D 157 -37.44 -20.96 15.88
N VAL D 158 -36.82 -21.78 16.73
CA VAL D 158 -37.49 -22.89 17.38
C VAL D 158 -37.64 -22.63 18.88
N ASN D 159 -38.89 -22.53 19.33
CA ASN D 159 -39.21 -22.28 20.74
C ASN D 159 -38.56 -21.02 21.28
N GLY D 160 -38.57 -19.95 20.48
CA GLY D 160 -38.04 -18.67 20.92
C GLY D 160 -36.55 -18.53 20.75
N LYS D 161 -35.88 -19.64 20.43
CA LYS D 161 -34.44 -19.64 20.25
C LYS D 161 -34.07 -19.93 18.80
N GLU D 162 -33.02 -19.26 18.32
CA GLU D 162 -32.61 -19.39 16.93
C GLU D 162 -31.89 -20.72 16.69
N VAL D 163 -32.14 -21.33 15.54
CA VAL D 163 -31.49 -22.58 15.19
C VAL D 163 -30.73 -22.44 13.87
N HIS D 164 -29.58 -23.10 13.80
CA HIS D 164 -28.75 -23.07 12.60
C HIS D 164 -28.59 -24.49 12.05
N SER D 165 -28.78 -25.47 12.92
CA SER D 165 -28.69 -26.87 12.52
C SER D 165 -29.93 -27.30 11.73
N GLY D 166 -29.69 -28.05 10.66
CA GLY D 166 -30.77 -28.50 9.80
C GLY D 166 -31.40 -27.35 9.03
N VAL D 167 -30.62 -26.29 8.85
CA VAL D 167 -31.11 -25.10 8.17
C VAL D 167 -30.32 -24.83 6.90
N CYS D 168 -31.02 -24.45 5.82
CA CYS D 168 -30.35 -24.00 4.60
C CYS D 168 -31.14 -22.89 3.93
N THR D 169 -30.43 -21.99 3.27
CA THR D 169 -31.04 -20.84 2.62
C THR D 169 -30.32 -20.52 1.31
N ASP D 170 -31.06 -20.01 0.33
CA ASP D 170 -30.49 -19.61 -0.95
C ASP D 170 -29.39 -18.56 -0.78
N PRO D 171 -28.26 -18.76 -1.46
CA PRO D 171 -27.19 -17.75 -1.45
C PRO D 171 -27.59 -16.52 -2.25
N GLN D 172 -28.43 -16.73 -3.26
CA GLN D 172 -28.91 -15.64 -4.10
C GLN D 172 -30.42 -15.71 -4.29
N PRO D 173 -31.10 -14.57 -4.14
CA PRO D 173 -32.55 -14.44 -4.38
C PRO D 173 -32.90 -14.50 -5.86
N LEU D 174 -34.20 -14.39 -6.17
CA LEU D 174 -34.66 -14.49 -7.56
C LEU D 174 -35.43 -13.25 -7.99
N LYS D 175 -35.13 -12.75 -9.19
CA LYS D 175 -35.89 -11.64 -9.77
C LYS D 175 -37.24 -12.15 -10.29
N GLU D 176 -38.31 -11.58 -9.77
CA GLU D 176 -39.65 -11.97 -10.20
C GLU D 176 -39.92 -11.51 -11.63
N GLN D 177 -39.35 -10.37 -11.99
CA GLN D 177 -39.44 -9.85 -13.36
C GLN D 177 -38.11 -9.25 -13.80
N PRO D 178 -37.23 -10.10 -14.35
CA PRO D 178 -35.88 -9.71 -14.79
C PRO D 178 -35.88 -8.59 -15.84
N ALA D 179 -37.02 -8.34 -16.46
CA ALA D 179 -37.13 -7.31 -17.50
C ALA D 179 -37.00 -5.91 -16.93
N LEU D 180 -37.42 -5.73 -15.67
CA LEU D 180 -37.37 -4.42 -15.03
C LEU D 180 -36.05 -4.20 -14.30
N ASN D 181 -35.58 -2.96 -14.30
CA ASN D 181 -34.31 -2.61 -13.67
C ASN D 181 -34.38 -2.74 -12.16
N ASP D 182 -35.41 -2.15 -11.56
CA ASP D 182 -35.60 -2.23 -10.11
C ASP D 182 -36.57 -3.35 -9.77
N SER D 183 -36.28 -4.55 -10.27
CA SER D 183 -37.14 -5.71 -10.08
C SER D 183 -37.20 -6.14 -8.62
N ARG D 184 -38.37 -6.63 -8.21
CA ARG D 184 -38.55 -7.13 -6.85
C ARG D 184 -37.98 -8.54 -6.74
N TYR D 185 -37.70 -8.98 -5.51
CA TYR D 185 -37.00 -10.25 -5.31
C TYR D 185 -37.80 -11.26 -4.51
N ALA D 186 -37.34 -12.51 -4.52
CA ALA D 186 -37.94 -13.59 -3.75
C ALA D 186 -36.85 -14.52 -3.21
N LEU D 187 -37.01 -14.95 -1.96
CA LEU D 187 -36.02 -15.81 -1.32
C LEU D 187 -36.68 -16.98 -0.61
N SER D 188 -36.01 -18.13 -0.61
CA SER D 188 -36.54 -19.31 0.07
C SER D 188 -35.54 -19.87 1.08
N SER D 189 -36.06 -20.57 2.09
CA SER D 189 -35.21 -21.20 3.09
C SER D 189 -35.84 -22.50 3.59
N ARG D 190 -35.06 -23.28 4.33
CA ARG D 190 -35.52 -24.59 4.78
C ARG D 190 -35.11 -24.90 6.21
N LEU D 191 -35.97 -25.66 6.89
CA LEU D 191 -35.66 -26.19 8.21
C LEU D 191 -36.18 -27.62 8.32
N ARG D 192 -35.25 -28.58 8.34
CA ARG D 192 -35.60 -29.99 8.40
C ARG D 192 -35.43 -30.53 9.82
N VAL D 193 -36.46 -31.21 10.31
CA VAL D 193 -36.45 -31.82 11.64
C VAL D 193 -37.00 -33.24 11.56
N SER D 194 -36.78 -34.02 12.62
CA SER D 194 -37.33 -35.36 12.71
C SER D 194 -38.85 -35.30 12.72
N ALA D 195 -39.49 -36.36 12.23
CA ALA D 195 -40.95 -36.43 12.24
C ALA D 195 -41.49 -36.32 13.66
N THR D 196 -40.73 -36.87 14.61
CA THR D 196 -41.10 -36.86 16.02
C THR D 196 -41.39 -35.46 16.54
N PHE D 197 -40.55 -34.49 16.16
CA PHE D 197 -40.64 -33.14 16.71
C PHE D 197 -41.75 -32.30 16.07
N TRP D 198 -42.01 -32.51 14.78
CA TRP D 198 -43.10 -31.79 14.14
C TRP D 198 -44.43 -32.43 14.50
N GLN D 199 -44.37 -33.69 14.91
CA GLN D 199 -45.55 -34.39 15.42
C GLN D 199 -45.89 -33.89 16.81
N ASP D 200 -44.90 -33.28 17.47
CA ASP D 200 -45.09 -32.74 18.81
C ASP D 200 -45.63 -31.31 18.75
N PRO D 201 -46.85 -31.09 19.25
CA PRO D 201 -47.50 -29.78 19.28
C PRO D 201 -47.03 -28.90 20.44
N ARG D 202 -45.91 -29.27 21.07
CA ARG D 202 -45.36 -28.46 22.13
C ARG D 202 -44.20 -27.60 21.62
N ASN D 203 -43.78 -27.88 20.39
CA ASN D 203 -42.67 -27.18 19.77
C ASN D 203 -43.15 -26.12 18.79
N HIS D 204 -42.60 -24.91 18.91
CA HIS D 204 -42.98 -23.79 18.06
C HIS D 204 -41.90 -23.46 17.03
N PHE D 205 -42.29 -23.35 15.77
CA PHE D 205 -41.36 -23.01 14.71
C PHE D 205 -41.69 -21.64 14.13
N ARG D 206 -40.68 -20.82 13.91
CA ARG D 206 -40.89 -19.48 13.37
C ARG D 206 -39.83 -19.07 12.37
N CYS D 207 -40.26 -18.76 11.15
CA CYS D 207 -39.36 -18.26 10.12
C CYS D 207 -39.34 -16.73 10.11
N GLN D 208 -38.23 -16.16 10.54
CA GLN D 208 -38.12 -14.70 10.68
C GLN D 208 -37.30 -14.08 9.58
N VAL D 209 -37.80 -12.98 9.03
CA VAL D 209 -37.11 -12.25 7.96
C VAL D 209 -36.99 -10.77 8.27
N GLN D 210 -35.75 -10.33 8.50
CA GLN D 210 -35.48 -8.92 8.75
C GLN D 210 -35.28 -8.16 7.43
N PHE D 211 -36.06 -7.10 7.23
CA PHE D 211 -35.97 -6.31 6.01
C PHE D 211 -35.46 -4.90 6.28
N TYR D 212 -34.58 -4.41 5.40
CA TYR D 212 -34.04 -3.07 5.50
C TYR D 212 -34.53 -2.22 4.34
N GLY D 213 -35.34 -1.21 4.63
CA GLY D 213 -35.95 -0.41 3.59
C GLY D 213 -35.72 1.09 3.70
N LEU D 214 -36.76 1.81 4.10
CA LEU D 214 -36.71 3.27 4.14
C LEU D 214 -36.52 3.83 5.55
N SER D 215 -36.35 5.13 5.63
CA SER D 215 -36.12 5.81 6.91
C SER D 215 -37.18 6.88 7.18
N GLU D 216 -37.18 7.41 8.40
CA GLU D 216 -38.11 8.48 8.78
C GLU D 216 -37.80 9.76 8.02
N ASN D 217 -36.56 9.90 7.57
CA ASN D 217 -36.13 11.06 6.80
C ASN D 217 -36.82 11.12 5.44
N ASP D 218 -36.85 9.99 4.75
CA ASP D 218 -37.54 9.90 3.46
C ASP D 218 -39.05 10.05 3.64
N GLU D 219 -39.67 10.81 2.74
CA GLU D 219 -41.11 11.01 2.81
C GLU D 219 -41.83 10.03 1.89
N TRP D 220 -42.91 9.46 2.40
CA TRP D 220 -43.66 8.44 1.67
C TRP D 220 -45.11 8.86 1.45
N THR D 221 -45.35 9.62 0.38
CA THR D 221 -46.70 10.05 0.04
C THR D 221 -47.38 9.05 -0.89
N GLN D 222 -47.85 7.94 -0.31
CA GLN D 222 -48.51 6.89 -1.08
C GLN D 222 -49.74 6.35 -0.37
N ASP D 223 -50.41 5.38 -1.00
CA ASP D 223 -51.61 4.79 -0.44
C ASP D 223 -51.36 3.37 0.06
N ARG D 224 -50.08 3.02 0.16
CA ARG D 224 -49.67 1.77 0.81
C ARG D 224 -48.70 2.09 1.93
N ALA D 225 -48.69 1.25 2.97
CA ALA D 225 -47.89 1.49 4.16
C ALA D 225 -46.42 1.69 3.83
N LYS D 226 -45.80 2.64 4.54
CA LYS D 226 -44.40 2.98 4.29
C LYS D 226 -43.49 1.79 4.53
N PRO D 227 -42.75 1.37 3.50
CA PRO D 227 -41.84 0.23 3.54
C PRO D 227 -40.57 0.52 4.33
N VAL D 228 -40.71 0.78 5.64
CA VAL D 228 -39.56 1.05 6.50
C VAL D 228 -38.84 -0.25 6.85
N THR D 229 -37.72 -0.11 7.57
CA THR D 229 -37.00 -1.27 8.10
C THR D 229 -37.88 -1.99 9.11
N GLN D 230 -38.23 -3.24 8.79
CA GLN D 230 -39.20 -3.97 9.60
C GLN D 230 -38.90 -5.46 9.66
N ILE D 231 -39.59 -6.15 10.57
CA ILE D 231 -39.48 -7.60 10.68
C ILE D 231 -40.78 -8.27 10.25
N VAL D 232 -40.69 -9.10 9.22
CA VAL D 232 -41.85 -9.88 8.78
C VAL D 232 -41.67 -11.32 9.22
N SER D 233 -42.72 -11.89 9.82
CA SER D 233 -42.63 -13.24 10.36
C SER D 233 -43.84 -14.11 10.03
N ALA D 234 -43.66 -15.42 10.16
CA ALA D 234 -44.73 -16.39 9.99
C ALA D 234 -44.44 -17.60 10.86
N GLU D 235 -45.48 -18.12 11.51
CA GLU D 235 -45.29 -19.20 12.48
C GLU D 235 -46.13 -20.44 12.16
N ALA D 236 -45.82 -21.53 12.84
CA ALA D 236 -46.54 -22.79 12.68
C ALA D 236 -46.29 -23.70 13.86
N TRP D 237 -47.33 -24.41 14.28
CA TRP D 237 -47.24 -25.33 15.42
C TRP D 237 -47.21 -26.78 14.98
N GLY D 238 -47.00 -27.68 15.93
CA GLY D 238 -46.94 -29.11 15.64
C GLY D 238 -48.30 -29.68 15.29
N ARG D 239 -48.30 -30.71 14.45
CA ARG D 239 -49.53 -31.36 14.01
C ARG D 239 -49.41 -32.87 14.14
N ALA D 240 -50.42 -33.59 13.67
CA ALA D 240 -50.40 -35.06 13.73
C ALA D 240 -51.34 -35.66 12.69
N GLY E 1 14.20 7.39 -9.61
CA GLY E 1 12.84 7.27 -9.12
C GLY E 1 12.78 6.81 -7.68
N ILE E 2 11.97 7.48 -6.87
CA ILE E 2 11.81 7.14 -5.46
C ILE E 2 10.93 5.91 -5.27
N LEU E 3 10.78 5.49 -4.02
CA LEU E 3 9.95 4.33 -3.70
C LEU E 3 8.49 4.58 -4.05
N GLU E 4 7.78 3.51 -4.38
CA GLU E 4 6.38 3.61 -4.77
C GLU E 4 5.47 3.21 -3.60
N PHE E 5 6.08 2.74 -2.52
CA PHE E 5 5.34 2.40 -1.31
C PHE E 5 6.00 3.01 -0.08
N VAL E 6 5.19 3.57 0.82
CA VAL E 6 5.73 4.18 2.03
C VAL E 6 5.32 3.40 3.27
N PHE E 7 6.12 3.54 4.32
CA PHE E 7 5.87 2.84 5.58
C PHE E 7 6.35 3.66 6.77
N THR E 8 5.52 3.76 7.79
CA THR E 8 5.84 4.53 8.99
C THR E 8 6.96 3.89 9.83
N LEU E 9 7.47 4.67 10.78
CA LEU E 9 8.59 4.26 11.60
C LEU E 9 8.15 3.53 12.86
#